data_1RY1
#
_entry.id   1RY1
#
loop_
_entity.id
_entity.type
_entity.pdbx_description
1 polymer 'SRP Alu domain'
2 polymer 'SRP S domain'
3 polymer 'SRP RNA'
4 polymer 'SRP RNA'
5 polymer 'SRP RNA'
6 polymer 'SRP RNA'
7 polymer 'SRP RNA'
8 polymer 'SRP RNA'
9 polymer SRP9
10 polymer SRP14
11 polymer SRP19
12 polymer SRP54NG
13 polymer SRP54M
14 polymer 'signal sequence peptide'
#
loop_
_entity_poly.entity_id
_entity_poly.type
_entity_poly.pdbx_seq_one_letter_code
_entity_poly.pdbx_strand_id
1 'polyribonucleotide' (GDP)GGCCGGGCGCGGUGGCGCGCGCCUGUAGUCCCAGCUACUCGGGAGGCUC E
2 'polyribonucleotide'
;GACACUAAGUUCGGCAUCAAUAUGGUGACCUCCCGGGAGCGGGGGACCACCAGGUUGCCUAAGGAGGGGUGAACCGGCCC
AGGUCGGAAACGGAGCAGGUCAAAACUCCCGUGCUGAUCAGUAGUGU(CCC)
;
A
3 'polyribonucleotide' AGGCUGGAGGAUCGCUUGAGUCCAGGA M
4 'polyribonucleotide' CCUGUGCAACAUAGCGAGACCCCGUCUCUUU N
5 'polyribonucleotide' GUUCUGGGCUGUAGUGCGCUAUGC O
6 'polyribonucleotide' CAAUAGCCACUGCACUCCAG P
7 'polyribonucleotide' CGAUCGGGUGUC Q
8 'polyribonucleotide' AUCGCGCCUGUG R
9 'polypeptide(L)'
;PQYQTWEEFSRAAEKLYLADPMKARVVLKYRHSDGNLCVKVTDDLVCLVYKTDQAQDVKKIEKFHSQLMRLMVAKEARNV
TMETE
;
C
10 'polypeptide(L)'
;VLLESEQFLTELTRLFQKCRTSGSVYITLKKYDGRTKPIPKKGTVEGFEPADNKCLLRATDGKKKISTVVSSKEVNKFQM
AYSNLLRANMDGLKKRDKKNKTKKTK
;
D
11 'polypeptide(L)'
;MRFICIYPAYLNNKKTIAEGRRIPISKAVENPTATEIQDVCSAVGLNVFLEKNKMYSREWNRDVQYRGRVRVQLKQEDGS
LCLVQFPSRKSVMLYAAEMIPKLKTRTQ
;
B
12 'polypeptide(L)'
;MFQQLSARLQEAIGRLRGRGRITEEDLKATLREIRRALMDADVNLEVARDFVERVREEALGKQVLESLTPAEVILATVYE
ALKEALGGEARLPVLKDRNLWFLVGLQGSGKTTTAAKLALYYKGKGRRPLLVAADTQRPAAREQLRLLGEKVGVPVLEVM
DGESPESIRRRVEEKARLEARDLILVDTAGRLQIDEPLMGELARLKEVLGPDEVLLVLDAMTGQEALSVARAFDEKVGVT
GLVLTKLDGDARGGAALSARHVTGKPIYFAGVSEKPEGLEPFYPERLAGRILGMGD
;
U
13 'polypeptide(L)'
;QFTLRDMYEQFQNIMKMGPFSQILGMIPGFGTDFMSKGNEQESMARLKKLMTIMDSMNDQELDSTDGAKVFSKQPGRIQR
VARGSGVSTRDVQELLTQYTKFAQMVKKM
;
W
14 'polypeptide(L)' LGFPINFLTLYVTVQHKK S
#
loop_
_chem_comp.id
_chem_comp.type
_chem_comp.name
_chem_comp.formula
A RNA linking ADENOSINE-5'-MONOPHOSPHATE 'C10 H14 N5 O7 P'
C RNA linking CYTIDINE-5'-MONOPHOSPHATE 'C9 H14 N3 O8 P'
CCC RNA linking 'CYTIDINE-5'-PHOSPHATE-2',3'-CYCLIC PHOSPHATE' 'C9 H13 N3 O10 P2'
G RNA linking GUANOSINE-5'-MONOPHOSPHATE 'C10 H14 N5 O8 P'
GDP RNA linking GUANOSINE-5'-DIPHOSPHATE 'C10 H15 N5 O11 P2'
U RNA linking URIDINE-5'-MONOPHOSPHATE 'C9 H13 N2 O9 P'
#
# COMPACT_ATOMS: atom_id res chain seq x y z
PC CCC B 128 -11.30 -42.71 74.41
O1C CCC B 128 -12.15 -41.97 75.37
O2C CCC B 128 -9.92 -43.15 74.08
P CCC B 128 -14.69 -47.53 71.19
OP1 CCC B 128 -13.76 -48.58 71.68
OP2 CCC B 128 -16.12 -47.58 71.59
O5' CCC B 128 -14.09 -46.11 71.60
C5' CCC B 128 -12.69 -45.93 71.79
C4' CCC B 128 -12.38 -44.47 72.02
O4' CCC B 128 -12.91 -43.67 70.93
C3' CCC B 128 -12.93 -43.80 73.27
O3' CCC B 128 -12.14 -44.12 74.43
C2' CCC B 128 -12.82 -42.34 72.91
O2' CCC B 128 -11.50 -41.84 73.05
C1' CCC B 128 -13.23 -42.37 71.41
N1 CCC B 128 -14.66 -42.12 71.15
C2 CCC B 128 -15.11 -40.78 70.89
O2 CCC B 128 -14.30 -39.84 70.93
N3 CCC B 128 -16.41 -40.57 70.59
C4 CCC B 128 -17.28 -41.62 70.55
N4 CCC B 128 -18.55 -41.36 70.25
C5 CCC B 128 -16.85 -42.96 70.83
C6 CCC B 128 -15.56 -43.16 71.13
N GLN I 4 46.12 6.99 115.77
CA GLN I 4 46.57 5.57 115.60
C GLN I 4 47.97 5.27 116.18
N THR I 5 48.74 4.42 115.50
CA THR I 5 50.07 4.05 115.97
C THR I 5 50.92 5.21 116.47
N TRP I 6 51.16 6.21 115.63
CA TRP I 6 51.97 7.34 116.07
C TRP I 6 51.22 8.22 117.05
N GLU I 7 49.98 8.57 116.69
CA GLU I 7 49.14 9.43 117.54
C GLU I 7 48.89 8.75 118.88
N GLU I 8 48.77 7.43 118.86
CA GLU I 8 48.55 6.69 120.09
C GLU I 8 49.86 6.67 120.84
N PHE I 9 50.90 6.20 120.17
CA PHE I 9 52.23 6.11 120.76
C PHE I 9 52.62 7.32 121.59
N SER I 10 52.58 8.51 120.97
CA SER I 10 52.94 9.72 121.69
C SER I 10 52.20 9.81 123.02
N ARG I 11 50.90 9.52 123.00
CA ARG I 11 50.11 9.58 124.21
C ARG I 11 50.81 8.75 125.28
N ALA I 12 50.98 7.46 125.04
CA ALA I 12 51.63 6.57 126.01
C ALA I 12 52.94 7.15 126.53
N ALA I 13 53.73 7.72 125.63
CA ALA I 13 55.02 8.29 125.99
C ALA I 13 54.84 9.49 126.93
N GLU I 14 53.96 10.40 126.55
CA GLU I 14 53.69 11.59 127.34
C GLU I 14 53.00 11.22 128.65
N LYS I 15 52.62 9.96 128.74
CA LYS I 15 51.97 9.43 129.94
C LYS I 15 53.12 9.09 130.90
N LEU I 16 54.19 8.47 130.34
CA LEU I 16 55.39 8.10 131.10
C LEU I 16 56.16 9.30 131.55
N TYR I 17 56.27 10.27 130.65
CA TYR I 17 57.00 11.46 131.02
C TYR I 17 56.36 12.12 132.23
N LEU I 18 55.03 12.14 132.28
CA LEU I 18 54.29 12.77 133.38
C LEU I 18 54.28 11.93 134.68
N ALA I 19 54.09 10.61 134.52
CA ALA I 19 54.05 9.65 135.63
C ALA I 19 55.23 9.90 136.57
N ASP I 20 56.40 10.15 135.98
CA ASP I 20 57.62 10.44 136.73
C ASP I 20 58.65 10.95 135.73
N PRO I 21 58.67 12.26 135.51
CA PRO I 21 59.58 12.95 134.58
C PRO I 21 61.04 12.95 135.03
N MET I 22 61.34 12.22 136.10
CA MET I 22 62.71 12.19 136.61
C MET I 22 63.34 10.80 136.47
N LYS I 23 62.54 9.79 136.14
CA LYS I 23 63.05 8.44 135.99
C LYS I 23 63.07 7.95 134.54
N ALA I 24 62.32 8.63 133.67
CA ALA I 24 62.28 8.23 132.27
C ALA I 24 63.21 9.09 131.41
N ARG I 25 63.50 8.60 130.21
CA ARG I 25 64.37 9.29 129.25
C ARG I 25 63.88 8.95 127.86
N VAL I 26 64.39 9.65 126.86
CA VAL I 26 63.97 9.40 125.48
C VAL I 26 65.12 9.33 124.45
N VAL I 27 65.33 8.14 123.90
CA VAL I 27 66.39 7.92 122.90
C VAL I 27 65.86 8.19 121.49
N LEU I 28 66.78 8.44 120.56
CA LEU I 28 66.41 8.72 119.17
C LEU I 28 67.53 8.26 118.25
N LYS I 29 67.35 7.10 117.63
CA LYS I 29 68.37 6.48 116.76
C LYS I 29 68.25 6.61 115.24
N TYR I 30 69.08 7.48 114.69
CA TYR I 30 69.13 7.74 113.25
C TYR I 30 70.22 6.97 112.51
N ARG I 31 69.79 6.08 111.64
CA ARG I 31 70.67 5.23 110.89
C ARG I 31 70.52 5.50 109.38
N HIS I 32 71.14 6.60 108.94
CA HIS I 32 71.13 7.06 107.55
C HIS I 32 71.28 5.96 106.48
N SER I 33 72.32 5.14 106.61
CA SER I 33 72.57 4.06 105.65
C SER I 33 71.29 3.27 105.42
N ASP I 34 71.06 2.26 106.26
CA ASP I 34 69.87 1.44 106.15
C ASP I 34 68.66 2.34 105.93
N GLY I 35 68.82 3.61 106.30
CA GLY I 35 67.73 4.56 106.13
C GLY I 35 66.50 4.33 106.98
N ASN I 36 66.57 4.75 108.25
CA ASN I 36 65.44 4.59 109.14
C ASN I 36 65.64 5.34 110.46
N LEU I 37 64.54 5.83 111.01
CA LEU I 37 64.54 6.58 112.25
C LEU I 37 63.93 5.73 113.34
N CYS I 38 64.19 6.07 114.59
CA CYS I 38 63.65 5.28 115.70
C CYS I 38 63.60 6.04 117.02
N VAL I 39 62.40 6.29 117.50
CA VAL I 39 62.23 6.99 118.76
C VAL I 39 61.85 6.00 119.85
N LYS I 40 62.37 6.23 121.06
CA LYS I 40 62.06 5.36 122.18
C LYS I 40 62.03 6.15 123.47
N VAL I 41 61.00 5.87 124.28
CA VAL I 41 60.87 6.51 125.58
C VAL I 41 60.71 5.38 126.57
N THR I 42 61.65 5.30 127.50
CA THR I 42 61.63 4.24 128.47
C THR I 42 61.82 4.75 129.88
N ASP I 43 61.56 3.85 130.81
CA ASP I 43 61.68 4.12 132.23
C ASP I 43 62.32 2.90 132.86
N ASP I 44 63.01 2.13 132.01
CA ASP I 44 63.69 0.90 132.41
C ASP I 44 62.76 -0.08 133.09
N LEU I 45 61.47 0.09 132.82
CA LEU I 45 60.41 -0.77 133.35
C LEU I 45 59.20 -0.68 132.42
N VAL I 46 59.46 -0.15 131.23
CA VAL I 46 58.45 0.04 130.21
C VAL I 46 59.09 0.48 128.88
N CYS I 47 59.43 -0.49 128.02
CA CYS I 47 60.06 -0.19 126.73
C CYS I 47 59.03 0.18 125.66
N LEU I 48 58.78 1.47 125.47
CA LEU I 48 57.83 1.90 124.43
C LEU I 48 58.68 2.45 123.31
N VAL I 49 58.66 1.78 122.16
CA VAL I 49 59.47 2.19 121.01
C VAL I 49 58.74 2.28 119.67
N TYR I 50 59.16 3.25 118.84
CA TYR I 50 58.54 3.47 117.54
C TYR I 50 59.54 3.64 116.38
N LYS I 51 59.45 2.76 115.38
CA LYS I 51 60.36 2.80 114.22
C LYS I 51 59.65 3.24 112.94
N THR I 52 60.38 3.90 112.05
CA THR I 52 59.87 4.39 110.78
C THR I 52 60.95 4.35 109.71
N ASP I 53 60.54 4.37 108.45
CA ASP I 53 61.51 4.38 107.35
C ASP I 53 61.01 5.39 106.34
N GLN I 54 59.70 5.65 106.36
CA GLN I 54 59.11 6.60 105.43
C GLN I 54 59.61 8.00 105.77
N ALA I 55 59.66 8.86 104.76
CA ALA I 55 60.15 10.22 104.94
C ALA I 55 59.21 11.18 105.63
N GLN I 56 57.91 11.05 105.33
CA GLN I 56 56.94 11.96 105.92
C GLN I 56 56.90 11.95 107.46
N ASP I 57 57.51 10.94 108.08
CA ASP I 57 57.51 10.80 109.53
C ASP I 57 58.57 11.51 110.36
N VAL I 58 59.57 12.10 109.72
CA VAL I 58 60.60 12.79 110.48
C VAL I 58 60.03 13.97 111.25
N LYS I 59 59.39 14.88 110.55
CA LYS I 59 58.81 16.08 111.17
C LYS I 59 58.14 15.86 112.53
N LYS I 60 57.12 15.00 112.58
CA LYS I 60 56.43 14.75 113.84
C LYS I 60 57.33 14.16 114.93
N ILE I 61 58.22 13.26 114.53
CA ILE I 61 59.16 12.65 115.47
C ILE I 61 60.06 13.73 116.08
N GLU I 62 60.52 14.65 115.24
CA GLU I 62 61.39 15.72 115.70
C GLU I 62 60.65 16.65 116.64
N LYS I 63 59.38 16.93 116.35
CA LYS I 63 58.56 17.81 117.18
C LYS I 63 58.29 17.19 118.53
N PHE I 64 58.04 15.89 118.53
CA PHE I 64 57.77 15.15 119.77
C PHE I 64 58.99 15.21 120.68
N HIS I 65 60.14 15.38 120.03
CA HIS I 65 61.43 15.47 120.70
C HIS I 65 61.55 16.87 121.28
N SER I 66 61.47 17.87 120.40
CA SER I 66 61.57 19.25 120.82
C SER I 66 60.63 19.55 121.98
N GLN I 67 59.41 19.01 121.92
CA GLN I 67 58.43 19.24 122.98
C GLN I 67 58.89 18.63 124.28
N LEU I 68 59.05 17.31 124.29
CA LEU I 68 59.48 16.63 125.50
C LEU I 68 60.60 17.39 126.19
N MET I 69 61.45 18.03 125.41
CA MET I 69 62.53 18.81 125.98
C MET I 69 61.99 20.00 126.75
N ARG I 70 61.01 20.68 126.16
CA ARG I 70 60.40 21.86 126.77
C ARG I 70 59.71 21.56 128.08
N LEU I 71 59.19 20.35 128.26
CA LEU I 71 58.55 20.01 129.51
C LEU I 71 59.60 19.73 130.57
N MET I 72 60.81 19.44 130.10
CA MET I 72 61.93 19.15 130.97
C MET I 72 62.61 20.44 131.41
N VAL I 73 62.44 21.50 130.62
CA VAL I 73 63.04 22.78 130.94
C VAL I 73 62.00 23.77 131.49
N ALA I 74 60.73 23.44 131.38
CA ALA I 74 59.68 24.33 131.87
C ALA I 74 59.80 24.44 133.40
N VAL J 1 82.17 13.85 127.07
CA VAL J 1 82.54 15.30 127.05
C VAL J 1 81.33 16.22 127.12
N LEU J 2 81.48 17.28 127.90
CA LEU J 2 80.42 18.26 128.08
C LEU J 2 80.82 19.55 127.38
N LEU J 3 80.02 19.96 126.41
CA LEU J 3 80.29 21.19 125.65
C LEU J 3 79.34 22.35 126.01
N GLU J 4 79.58 23.50 125.37
CA GLU J 4 78.76 24.67 125.58
C GLU J 4 77.77 24.83 124.41
N SER J 5 76.53 25.19 124.74
CA SER J 5 75.46 25.38 123.76
C SER J 5 75.94 25.27 122.31
N GLU J 6 76.74 26.23 121.86
CA GLU J 6 77.23 26.21 120.50
C GLU J 6 77.96 24.92 120.20
N GLN J 7 79.25 24.89 120.55
CA GLN J 7 80.11 23.73 120.36
C GLN J 7 79.30 22.46 120.04
N PHE J 8 78.43 22.08 120.96
CA PHE J 8 77.61 20.88 120.79
C PHE J 8 76.94 20.75 119.42
N LEU J 9 76.40 21.84 118.91
CA LEU J 9 75.75 21.78 117.62
C LEU J 9 76.72 21.43 116.47
N THR J 10 77.91 22.05 116.45
CA THR J 10 78.91 21.77 115.41
C THR J 10 79.42 20.33 115.52
N GLU J 11 79.70 19.88 116.74
CA GLU J 11 80.14 18.51 116.90
C GLU J 11 79.04 17.60 116.36
N LEU J 12 77.79 17.90 116.74
CA LEU J 12 76.65 17.10 116.30
C LEU J 12 76.51 17.04 114.79
N THR J 13 76.64 18.19 114.12
CA THR J 13 76.51 18.15 112.68
C THR J 13 77.49 17.12 112.16
N ARG J 14 78.70 17.15 112.67
CA ARG J 14 79.71 16.18 112.24
C ARG J 14 79.23 14.75 112.44
N LEU J 15 78.77 14.40 113.64
CA LEU J 15 78.31 13.03 113.85
C LEU J 15 77.45 12.49 112.74
N PHE J 16 76.62 13.35 112.15
CA PHE J 16 75.75 12.92 111.06
C PHE J 16 76.57 12.75 109.80
N GLN J 17 77.48 13.70 109.57
CA GLN J 17 78.34 13.70 108.41
C GLN J 17 79.36 12.56 108.48
N LYS J 18 79.69 12.13 109.70
CA LYS J 18 80.65 11.06 109.93
C LYS J 18 79.91 9.71 110.08
N CYS J 19 78.71 9.65 109.52
CA CYS J 19 77.91 8.44 109.59
C CYS J 19 76.99 8.32 108.39
N ARG J 20 77.11 9.23 107.45
CA ARG J 20 76.26 9.19 106.27
C ARG J 20 76.46 7.92 105.45
N THR J 21 77.64 7.29 105.56
CA THR J 21 77.92 6.07 104.83
C THR J 21 77.56 4.81 105.60
N SER J 22 77.63 4.89 106.93
CA SER J 22 77.28 3.76 107.78
C SER J 22 77.20 4.18 109.23
N GLY J 23 76.84 3.24 110.12
CA GLY J 23 76.74 3.57 111.53
C GLY J 23 75.47 4.29 111.92
N SER J 24 75.21 4.36 113.22
CA SER J 24 74.00 5.00 113.75
C SER J 24 74.31 6.18 114.65
N VAL J 25 73.51 7.23 114.51
CA VAL J 25 73.68 8.44 115.30
C VAL J 25 72.67 8.47 116.44
N TYR J 26 73.13 8.27 117.68
CA TYR J 26 72.22 8.30 118.82
C TYR J 26 72.08 9.68 119.45
N ILE J 27 70.95 9.89 120.11
CA ILE J 27 70.67 11.14 120.81
C ILE J 27 69.67 10.82 121.90
N THR J 28 69.98 11.13 123.15
CA THR J 28 69.02 10.86 124.22
C THR J 28 68.78 12.15 124.96
N LEU J 29 67.51 12.44 125.25
CA LEU J 29 67.12 13.67 125.95
C LEU J 29 66.73 13.31 127.38
N LYS J 30 66.91 14.23 128.32
CA LYS J 30 66.61 13.88 129.69
C LYS J 30 66.51 15.06 130.66
N LYS J 31 65.57 14.96 131.61
CA LYS J 31 65.34 15.98 132.65
C LYS J 31 66.55 15.88 133.61
N TYR J 32 67.26 16.98 133.84
CA TYR J 32 68.46 16.92 134.69
C TYR J 32 68.56 17.92 135.85
N ASP J 33 69.23 17.49 136.93
CA ASP J 33 69.39 18.31 138.13
C ASP J 33 70.80 18.30 138.77
N GLY J 34 71.06 17.33 139.64
CA GLY J 34 72.34 17.22 140.31
C GLY J 34 73.56 17.06 139.42
N ASN J 53 65.95 25.35 135.82
CA ASN J 53 65.64 23.99 135.36
C ASN J 53 66.41 23.67 134.07
N LYS J 54 66.92 22.43 133.99
CA LYS J 54 67.72 22.00 132.85
C LYS J 54 67.48 20.56 132.39
N CYS J 55 67.93 20.26 131.17
CA CYS J 55 67.80 18.93 130.56
C CYS J 55 69.17 18.49 130.02
N LEU J 56 69.46 17.19 130.10
CA LEU J 56 70.73 16.66 129.60
C LEU J 56 70.59 16.12 128.19
N LEU J 57 71.38 16.64 127.27
CA LEU J 57 71.33 16.23 125.88
C LEU J 57 72.62 15.50 125.45
N ARG J 58 72.50 14.24 125.03
CA ARG J 58 73.66 13.45 124.62
C ARG J 58 73.64 12.92 123.18
N ALA J 59 74.81 12.92 122.53
CA ALA J 59 74.90 12.42 121.17
C ALA J 59 76.12 11.51 121.03
N THR J 60 75.98 10.42 120.29
CA THR J 60 77.08 9.48 120.10
C THR J 60 76.96 8.71 118.80
N ASP J 61 78.08 8.50 118.14
CA ASP J 61 78.12 7.75 116.91
C ASP J 61 78.66 6.36 117.20
N GLY J 62 78.98 6.09 118.46
CA GLY J 62 79.52 4.79 118.85
C GLY J 62 81.01 4.88 119.17
N LYS J 63 81.67 5.91 118.65
CA LYS J 63 83.09 6.12 118.86
C LYS J 63 83.29 7.37 119.74
N LYS J 64 82.81 8.51 119.25
CA LYS J 64 82.89 9.78 119.96
C LYS J 64 81.59 10.11 120.70
N LYS J 65 81.72 10.65 121.91
CA LYS J 65 80.57 11.01 122.75
C LYS J 65 80.56 12.52 122.94
N ILE J 66 79.38 13.08 123.12
CA ILE J 66 79.26 14.52 123.34
C ILE J 66 77.94 14.78 124.01
N SER J 67 77.89 15.79 124.85
CA SER J 67 76.66 16.15 125.54
C SER J 67 76.67 17.64 125.87
N THR J 68 75.53 18.14 126.29
CA THR J 68 75.37 19.55 126.62
C THR J 68 74.22 19.65 127.61
N VAL J 69 74.10 20.80 128.26
CA VAL J 69 73.04 21.03 129.23
C VAL J 69 72.23 22.26 128.82
N VAL J 70 70.98 22.03 128.42
CA VAL J 70 70.09 23.09 127.98
C VAL J 70 69.17 23.57 129.10
N SER J 71 69.16 24.88 129.32
CA SER J 71 68.35 25.52 130.36
C SER J 71 67.24 26.36 129.72
N SER J 72 66.22 26.68 130.52
CA SER J 72 65.10 27.49 130.04
C SER J 72 65.52 28.84 129.47
N LYS J 73 66.69 29.31 129.88
CA LYS J 73 67.21 30.60 129.43
C LYS J 73 67.57 30.66 127.95
N GLU J 74 67.91 29.52 127.37
CA GLU J 74 68.31 29.48 125.97
C GLU J 74 67.51 28.55 125.06
N VAL J 75 66.61 27.78 125.64
CA VAL J 75 65.81 26.84 124.85
C VAL J 75 65.26 27.35 123.52
N ASN J 76 64.79 28.60 123.47
CA ASN J 76 64.25 29.14 122.23
C ASN J 76 65.34 29.29 121.18
N LYS J 77 66.42 29.99 121.55
CA LYS J 77 67.53 30.21 120.64
C LYS J 77 68.21 28.91 120.21
N PHE J 78 68.38 27.99 121.15
CA PHE J 78 69.01 26.71 120.87
C PHE J 78 68.11 25.87 119.99
N GLN J 79 66.85 25.73 120.38
CA GLN J 79 65.91 24.92 119.61
C GLN J 79 65.76 25.40 118.18
N MET J 80 65.99 26.69 117.95
CA MET J 80 65.87 27.20 116.59
C MET J 80 66.87 26.47 115.71
N ALA J 81 68.16 26.53 116.08
CA ALA J 81 69.19 25.88 115.29
C ALA J 81 69.15 24.35 115.38
N TYR J 82 68.89 23.83 116.57
CA TYR J 82 68.81 22.39 116.78
C TYR J 82 67.75 21.73 115.91
N SER J 83 66.66 22.46 115.70
CA SER J 83 65.54 21.96 114.90
C SER J 83 65.92 21.92 113.42
N ASN J 84 66.59 22.96 112.94
CA ASN J 84 67.01 22.97 111.53
C ASN J 84 68.01 21.85 111.33
N LEU J 85 68.94 21.73 112.28
CA LEU J 85 69.98 20.71 112.24
C LEU J 85 69.41 19.31 112.10
N LEU J 86 68.48 18.93 112.97
CA LEU J 86 67.90 17.60 112.88
C LEU J 86 67.15 17.36 111.57
N ARG J 87 66.44 18.36 111.09
CA ARG J 87 65.66 18.21 109.86
C ARG J 87 66.48 18.12 108.59
N ALA J 88 67.58 18.86 108.54
CA ALA J 88 68.43 18.87 107.37
C ALA J 88 69.31 17.62 107.26
N ASN J 89 69.92 17.23 108.38
CA ASN J 89 70.80 16.08 108.39
C ASN J 89 70.09 14.74 108.35
N MET J 90 68.79 14.73 108.63
CA MET J 90 68.06 13.47 108.61
C MET J 90 67.29 13.18 107.33
N ASP J 91 67.61 13.89 106.24
CA ASP J 91 66.93 13.59 104.99
C ASP J 91 67.61 12.41 104.31
N GLY J 92 67.04 11.22 104.50
CA GLY J 92 67.62 10.04 103.91
C GLY J 92 66.67 8.87 104.03
N LEU J 93 65.49 9.12 104.59
CA LEU J 93 64.52 8.07 104.74
C LEU J 93 63.66 7.91 103.48
N LYS J 94 62.83 6.86 103.44
CA LYS J 94 61.95 6.53 102.32
C LYS J 94 61.34 7.69 101.53
N ARG K 2 -28.03 -40.10 -41.97
CA ARG K 2 -28.63 -41.33 -41.37
C ARG K 2 -27.59 -42.36 -40.93
N PHE K 3 -26.32 -42.19 -41.31
CA PHE K 3 -25.31 -43.13 -40.83
C PHE K 3 -25.38 -43.13 -39.31
N ILE K 4 -24.62 -43.99 -38.65
CA ILE K 4 -24.66 -44.00 -37.20
C ILE K 4 -23.39 -43.36 -36.65
N CYS K 5 -23.40 -43.12 -35.34
CA CYS K 5 -22.28 -42.48 -34.66
C CYS K 5 -21.47 -43.42 -33.78
N ILE K 6 -20.16 -43.33 -33.93
CA ILE K 6 -19.24 -44.14 -33.15
C ILE K 6 -18.16 -43.21 -32.62
N TYR K 7 -18.22 -42.89 -31.33
CA TYR K 7 -17.22 -42.06 -30.67
C TYR K 7 -16.15 -42.94 -29.99
N PRO K 8 -14.87 -42.55 -30.05
CA PRO K 8 -13.88 -43.40 -29.38
C PRO K 8 -14.22 -43.68 -27.91
N ALA K 9 -14.90 -42.76 -27.25
CA ALA K 9 -15.24 -43.02 -25.86
C ALA K 9 -15.96 -44.36 -25.76
N TYR K 10 -16.78 -44.66 -26.74
CA TYR K 10 -17.54 -45.90 -26.76
C TYR K 10 -16.68 -47.17 -26.58
N LEU K 11 -15.49 -47.13 -27.19
CA LEU K 11 -14.57 -48.25 -27.20
C LEU K 11 -13.35 -48.05 -26.31
N ASN K 12 -13.48 -47.22 -25.30
CA ASN K 12 -12.31 -46.98 -24.48
C ASN K 12 -12.35 -47.72 -23.16
N ASN K 13 -11.43 -48.66 -22.98
CA ASN K 13 -11.40 -49.43 -21.73
C ASN K 13 -10.93 -48.60 -20.55
N LYS K 14 -10.43 -47.40 -20.81
CA LYS K 14 -9.96 -46.53 -19.73
C LYS K 14 -11.09 -45.63 -19.24
N LYS K 15 -12.28 -45.76 -19.82
CA LYS K 15 -13.39 -44.92 -19.41
C LYS K 15 -14.45 -45.70 -18.64
N THR K 16 -15.10 -45.05 -17.68
CA THR K 16 -16.15 -45.76 -16.96
C THR K 16 -17.40 -45.72 -17.81
N ILE K 17 -18.52 -46.20 -17.24
CA ILE K 17 -19.78 -46.20 -17.96
C ILE K 17 -20.16 -44.77 -18.24
N ALA K 18 -20.40 -44.04 -17.16
CA ALA K 18 -20.79 -42.64 -17.25
C ALA K 18 -19.83 -41.79 -18.08
N GLU K 19 -18.61 -42.27 -18.29
CA GLU K 19 -17.68 -41.53 -19.08
C GLU K 19 -17.85 -41.78 -20.55
N GLY K 20 -18.76 -42.71 -20.88
CA GLY K 20 -19.09 -42.97 -22.29
C GLY K 20 -18.78 -44.36 -22.84
N ARG K 21 -18.34 -45.32 -22.01
CA ARG K 21 -18.04 -46.67 -22.52
C ARG K 21 -19.33 -47.41 -22.83
N ARG K 22 -19.32 -48.10 -23.96
CA ARG K 22 -20.50 -48.81 -24.42
C ARG K 22 -20.34 -50.33 -24.48
N ILE K 23 -19.11 -50.81 -24.35
CA ILE K 23 -18.88 -52.23 -24.41
C ILE K 23 -18.13 -52.70 -23.17
N PRO K 24 -18.28 -54.00 -22.81
CA PRO K 24 -17.62 -54.54 -21.63
C PRO K 24 -16.11 -54.28 -21.65
N ILE K 25 -15.54 -53.99 -20.49
CA ILE K 25 -14.12 -53.71 -20.43
C ILE K 25 -13.34 -54.85 -21.06
N SER K 26 -13.82 -56.07 -20.87
CA SER K 26 -13.15 -57.24 -21.41
C SER K 26 -12.95 -57.13 -22.92
N LYS K 27 -13.84 -56.42 -23.60
CA LYS K 27 -13.71 -56.27 -25.04
C LYS K 27 -13.23 -54.89 -25.45
N ALA K 28 -13.34 -53.93 -24.53
CA ALA K 28 -12.91 -52.56 -24.81
C ALA K 28 -11.43 -52.52 -25.19
N VAL K 29 -10.94 -51.33 -25.51
CA VAL K 29 -9.57 -51.16 -25.95
C VAL K 29 -8.87 -50.01 -25.26
N GLU K 30 -7.54 -50.08 -25.25
CA GLU K 30 -6.67 -49.07 -24.64
C GLU K 30 -7.18 -47.70 -25.04
N ASN K 31 -6.60 -47.08 -26.06
CA ASN K 31 -7.10 -45.76 -26.43
C ASN K 31 -7.37 -45.71 -27.90
N PRO K 32 -8.53 -46.20 -28.30
CA PRO K 32 -8.93 -46.21 -29.71
C PRO K 32 -9.05 -44.81 -30.23
N THR K 33 -8.59 -44.59 -31.46
CA THR K 33 -8.67 -43.27 -32.07
C THR K 33 -9.68 -43.34 -33.20
N ALA K 34 -10.53 -42.33 -33.30
CA ALA K 34 -11.51 -42.33 -34.38
C ALA K 34 -10.86 -42.81 -35.69
N THR K 35 -9.62 -42.41 -35.94
CA THR K 35 -8.95 -42.84 -37.16
C THR K 35 -8.93 -44.36 -37.27
N GLU K 36 -8.32 -45.01 -36.27
CA GLU K 36 -8.22 -46.46 -36.22
C GLU K 36 -9.61 -47.09 -36.40
N ILE K 37 -10.62 -46.53 -35.76
CA ILE K 37 -11.96 -47.05 -35.88
C ILE K 37 -12.38 -47.04 -37.34
N GLN K 38 -12.16 -45.92 -38.02
CA GLN K 38 -12.54 -45.83 -39.42
C GLN K 38 -11.69 -46.79 -40.25
N ASP K 39 -10.40 -46.83 -39.97
CA ASP K 39 -9.54 -47.71 -40.74
C ASP K 39 -9.89 -49.19 -40.69
N VAL K 40 -10.49 -49.66 -39.60
CA VAL K 40 -10.85 -51.06 -39.52
C VAL K 40 -12.24 -51.30 -40.10
N CYS K 41 -13.10 -50.29 -40.03
CA CYS K 41 -14.45 -50.43 -40.56
C CYS K 41 -14.45 -50.37 -42.06
N SER K 42 -13.66 -49.45 -42.61
CA SER K 42 -13.61 -49.31 -44.06
C SER K 42 -13.02 -50.57 -44.68
N ALA K 43 -12.23 -51.29 -43.89
CA ALA K 43 -11.57 -52.48 -44.37
C ALA K 43 -12.32 -53.75 -44.05
N VAL K 44 -13.62 -53.73 -44.25
CA VAL K 44 -14.46 -54.89 -43.98
C VAL K 44 -15.60 -54.81 -44.96
N GLY K 45 -15.67 -53.68 -45.65
CA GLY K 45 -16.72 -53.46 -46.64
C GLY K 45 -17.79 -52.52 -46.14
N LEU K 46 -17.53 -51.86 -45.02
CA LEU K 46 -18.48 -50.93 -44.44
C LEU K 46 -18.33 -49.56 -45.05
N ASN K 47 -19.47 -48.90 -45.30
CA ASN K 47 -19.44 -47.57 -45.85
C ASN K 47 -19.31 -46.63 -44.67
N VAL K 48 -18.22 -45.86 -44.63
CA VAL K 48 -18.01 -44.97 -43.51
C VAL K 48 -17.13 -43.76 -43.80
N PHE K 49 -17.40 -42.65 -43.10
CA PHE K 49 -16.60 -41.45 -43.23
C PHE K 49 -16.24 -40.89 -41.87
N LEU K 50 -15.04 -40.32 -41.79
CA LEU K 50 -14.49 -39.75 -40.56
C LEU K 50 -14.76 -38.28 -40.30
N GLU K 51 -15.41 -37.98 -39.19
CA GLU K 51 -15.68 -36.59 -38.86
C GLU K 51 -14.60 -36.08 -37.92
N LYS K 52 -13.39 -35.97 -38.45
CA LYS K 52 -12.15 -35.53 -37.79
C LYS K 52 -12.29 -34.55 -36.61
N ASN K 53 -13.10 -33.51 -36.73
CA ASN K 53 -13.11 -32.50 -35.65
C ASN K 53 -14.26 -32.55 -34.67
N LYS K 54 -15.24 -33.37 -34.93
CA LYS K 54 -16.32 -33.44 -33.96
C LYS K 54 -15.73 -33.90 -32.60
N MET K 55 -16.38 -33.52 -31.48
CA MET K 55 -15.92 -33.91 -30.14
C MET K 55 -17.04 -34.48 -29.27
N TYR K 56 -16.78 -35.58 -28.58
CA TYR K 56 -17.79 -36.24 -27.75
C TYR K 56 -18.10 -35.40 -26.51
N SER K 57 -19.37 -35.11 -26.29
CA SER K 57 -19.77 -34.25 -25.19
C SER K 57 -19.24 -34.61 -23.81
N ARG K 58 -19.07 -35.91 -23.55
CA ARG K 58 -18.56 -36.36 -22.26
C ARG K 58 -17.06 -36.52 -22.33
N GLU K 59 -16.37 -35.67 -23.03
CA GLU K 59 -14.94 -35.80 -23.17
C GLU K 59 -14.29 -34.49 -22.74
N TRP K 60 -13.90 -34.40 -21.47
CA TRP K 60 -13.29 -33.18 -20.91
C TRP K 60 -12.03 -32.76 -21.62
N ASN K 61 -11.24 -33.73 -22.08
CA ASN K 61 -9.99 -33.47 -22.78
C ASN K 61 -10.22 -32.83 -24.15
N ARG K 62 -9.23 -32.12 -24.68
CA ARG K 62 -9.41 -31.44 -25.97
C ARG K 62 -8.35 -31.81 -27.00
N ASP K 63 -7.38 -32.60 -26.57
CA ASP K 63 -6.26 -33.10 -27.39
C ASP K 63 -6.81 -33.71 -28.70
N VAL K 64 -5.93 -34.25 -29.53
CA VAL K 64 -6.36 -34.86 -30.79
C VAL K 64 -6.63 -36.36 -30.63
N GLN K 65 -5.63 -37.10 -30.17
CA GLN K 65 -5.78 -38.54 -29.95
C GLN K 65 -7.12 -38.84 -29.28
N TYR K 66 -7.67 -37.82 -28.62
CA TYR K 66 -8.92 -37.98 -27.89
C TYR K 66 -10.16 -37.47 -28.63
N ARG K 67 -10.04 -36.92 -29.83
CA ARG K 67 -11.27 -36.42 -30.51
C ARG K 67 -11.49 -36.88 -31.94
N GLY K 68 -12.69 -36.59 -32.45
CA GLY K 68 -13.09 -37.00 -33.78
C GLY K 68 -14.30 -37.92 -33.66
N ARG K 69 -14.97 -38.20 -34.77
CA ARG K 69 -16.16 -39.06 -34.76
C ARG K 69 -16.17 -39.91 -36.03
N VAL K 70 -16.80 -41.08 -35.99
CA VAL K 70 -16.82 -41.92 -37.17
C VAL K 70 -18.24 -42.32 -37.51
N ARG K 71 -18.57 -42.21 -38.81
CA ARG K 71 -19.93 -42.51 -39.29
C ARG K 71 -20.04 -43.67 -40.27
N VAL K 72 -20.83 -44.68 -39.89
CA VAL K 72 -21.00 -45.84 -40.76
C VAL K 72 -22.44 -46.11 -41.15
N GLN K 73 -22.60 -46.49 -42.41
CA GLN K 73 -23.89 -46.81 -43.00
C GLN K 73 -24.24 -48.26 -42.70
N LEU K 74 -25.36 -48.48 -42.01
CA LEU K 74 -25.78 -49.82 -41.71
C LEU K 74 -26.74 -50.28 -42.80
N LYS K 75 -27.95 -49.76 -42.75
CA LYS K 75 -28.96 -50.12 -43.73
C LYS K 75 -28.76 -49.33 -45.01
N GLN K 76 -29.50 -49.73 -46.04
CA GLN K 76 -29.47 -49.03 -47.30
C GLN K 76 -30.83 -48.37 -47.48
N GLU K 77 -30.88 -47.25 -48.20
CA GLU K 77 -32.12 -46.52 -48.38
C GLU K 77 -33.36 -47.41 -48.49
N ASP K 78 -33.22 -48.57 -49.12
CA ASP K 78 -34.36 -49.45 -49.25
C ASP K 78 -34.68 -50.11 -47.90
N GLY K 79 -33.64 -50.48 -47.15
CA GLY K 79 -33.85 -51.10 -45.85
C GLY K 79 -32.90 -52.24 -45.49
N SER K 80 -32.42 -52.93 -46.52
CA SER K 80 -31.50 -54.06 -46.35
C SER K 80 -30.23 -53.64 -45.65
N LEU K 81 -29.73 -54.45 -44.73
CA LEU K 81 -28.50 -54.13 -44.03
C LEU K 81 -27.40 -54.17 -45.08
N CYS K 82 -26.39 -53.33 -44.91
CA CYS K 82 -25.28 -53.32 -45.87
C CYS K 82 -24.47 -54.60 -45.76
N LEU K 83 -24.27 -55.07 -44.53
CA LEU K 83 -23.53 -56.29 -44.28
C LEU K 83 -24.22 -57.12 -43.20
N VAL K 84 -24.83 -58.21 -43.62
CA VAL K 84 -25.58 -59.13 -42.75
C VAL K 84 -25.00 -59.33 -41.36
N GLN K 85 -23.67 -59.36 -41.29
CA GLN K 85 -22.96 -59.56 -40.02
C GLN K 85 -22.95 -58.33 -39.13
N PHE K 86 -23.60 -57.27 -39.58
CA PHE K 86 -23.63 -56.03 -38.84
C PHE K 86 -25.01 -55.45 -38.69
N PRO K 87 -25.81 -56.03 -37.80
CA PRO K 87 -27.19 -55.57 -37.56
C PRO K 87 -27.13 -54.23 -36.88
N SER K 88 -26.93 -54.31 -35.57
CA SER K 88 -26.86 -53.18 -34.64
C SER K 88 -25.62 -52.31 -34.73
N ARG K 89 -25.52 -51.37 -33.79
CA ARG K 89 -24.34 -50.53 -33.67
C ARG K 89 -23.37 -51.31 -32.80
N LYS K 90 -23.91 -51.89 -31.75
CA LYS K 90 -23.12 -52.72 -30.83
C LYS K 90 -22.23 -53.64 -31.66
N SER K 91 -22.83 -54.21 -32.71
CA SER K 91 -22.11 -55.11 -33.60
C SER K 91 -20.84 -54.47 -34.14
N VAL K 92 -20.93 -53.23 -34.58
CA VAL K 92 -19.77 -52.56 -35.13
C VAL K 92 -18.79 -52.20 -34.03
N MET K 93 -19.31 -51.62 -32.94
CA MET K 93 -18.43 -51.23 -31.86
C MET K 93 -17.53 -52.42 -31.56
N LEU K 94 -18.15 -53.54 -31.17
CA LEU K 94 -17.43 -54.77 -30.84
C LEU K 94 -16.44 -55.21 -31.92
N TYR K 95 -16.90 -55.25 -33.17
CA TYR K 95 -16.04 -55.66 -34.24
C TYR K 95 -14.80 -54.78 -34.26
N ALA K 96 -14.98 -53.51 -33.93
CA ALA K 96 -13.87 -52.56 -33.95
C ALA K 96 -12.96 -52.79 -32.76
N ALA K 97 -13.58 -52.93 -31.60
CA ALA K 97 -12.82 -53.15 -30.38
C ALA K 97 -11.89 -54.35 -30.55
N GLU K 98 -12.32 -55.32 -31.34
CA GLU K 98 -11.52 -56.51 -31.54
C GLU K 98 -10.41 -56.39 -32.57
N MET K 99 -10.64 -55.63 -33.62
CA MET K 99 -9.67 -55.52 -34.69
C MET K 99 -8.58 -54.47 -34.54
N ILE K 100 -8.81 -53.48 -33.70
CA ILE K 100 -7.80 -52.43 -33.54
C ILE K 100 -6.49 -52.94 -32.91
N PRO K 101 -6.58 -53.75 -31.85
CA PRO K 101 -5.35 -54.23 -31.24
C PRO K 101 -4.56 -55.12 -32.20
N LYS K 102 -4.94 -55.12 -33.47
CA LYS K 102 -4.25 -55.92 -34.47
C LYS K 102 -3.61 -55.03 -35.51
N LEU K 103 -4.14 -53.82 -35.64
CA LEU K 103 -3.56 -52.86 -36.57
C LEU K 103 -2.06 -52.80 -36.40
N LYS K 104 -1.33 -53.00 -37.49
CA LYS K 104 0.13 -52.97 -37.47
C LYS K 104 0.62 -51.81 -36.62
N THR K 105 0.01 -50.64 -36.82
CA THR K 105 0.39 -49.45 -36.10
C THR K 105 0.33 -49.62 -34.58
N ARG K 106 -0.27 -50.70 -34.11
CA ARG K 106 -0.38 -50.94 -32.66
C ARG K 106 0.50 -52.11 -32.19
N THR K 107 0.72 -53.07 -33.10
CA THR K 107 1.55 -54.22 -32.77
C THR K 107 3.02 -53.80 -32.83
N GLN K 108 3.27 -52.74 -33.61
CA GLN K 108 4.59 -52.15 -33.81
C GLN K 108 5.62 -52.47 -32.74
N MET L 1 -15.19 4.34 -46.75
CA MET L 1 -16.44 5.15 -46.67
C MET L 1 -16.42 6.27 -47.70
N PHE L 2 -15.36 7.09 -47.67
CA PHE L 2 -15.23 8.18 -48.61
C PHE L 2 -14.16 7.84 -49.62
N GLN L 3 -14.11 6.56 -49.99
CA GLN L 3 -13.15 6.02 -50.95
C GLN L 3 -12.78 6.97 -52.08
N GLN L 4 -13.78 7.61 -52.68
CA GLN L 4 -13.53 8.54 -53.77
C GLN L 4 -12.48 9.59 -53.39
N LEU L 5 -12.84 10.46 -52.45
CA LEU L 5 -11.93 11.52 -52.00
C LEU L 5 -10.65 10.92 -51.44
N SER L 6 -10.78 9.78 -50.76
CA SER L 6 -9.63 9.11 -50.17
C SER L 6 -8.60 8.82 -51.25
N ALA L 7 -8.95 7.97 -52.21
CA ALA L 7 -8.04 7.61 -53.29
C ALA L 7 -7.51 8.86 -53.98
N ARG L 8 -8.33 9.91 -53.98
CA ARG L 8 -7.97 11.18 -54.60
C ARG L 8 -6.91 11.92 -53.79
N LEU L 9 -7.16 12.08 -52.49
CA LEU L 9 -6.22 12.75 -51.61
C LEU L 9 -4.96 11.92 -51.44
N GLN L 10 -5.03 10.67 -51.90
CA GLN L 10 -3.90 9.75 -51.81
C GLN L 10 -2.82 10.04 -52.85
N GLU L 11 -3.21 10.01 -54.12
CA GLU L 11 -2.27 10.28 -55.20
C GLU L 11 -1.55 11.60 -54.96
N ALA L 12 -2.31 12.60 -54.49
CA ALA L 12 -1.76 13.91 -54.22
C ALA L 12 -0.60 13.84 -53.22
N ILE L 13 -0.83 13.16 -52.10
CA ILE L 13 0.20 13.03 -51.07
C ILE L 13 1.27 12.02 -51.45
N GLY L 14 0.85 10.83 -51.89
CA GLY L 14 1.80 9.81 -52.28
C GLY L 14 2.73 10.27 -53.39
N ARG L 15 2.43 11.44 -53.95
CA ARG L 15 3.22 11.99 -55.03
C ARG L 15 4.38 12.84 -54.51
N LEU L 16 4.73 12.68 -53.23
CA LEU L 16 5.82 13.45 -52.65
C LEU L 16 6.87 12.63 -51.90
N ARG L 17 6.48 11.47 -51.39
CA ARG L 17 7.41 10.63 -50.64
C ARG L 17 8.66 10.22 -51.40
N GLY L 18 8.49 9.37 -52.40
CA GLY L 18 9.61 8.90 -53.19
C GLY L 18 10.46 9.95 -53.87
N ARG L 19 10.09 11.22 -53.68
CA ARG L 19 10.83 12.33 -54.29
C ARG L 19 12.07 12.70 -53.47
N GLY L 20 11.91 12.74 -52.16
CA GLY L 20 13.02 13.11 -51.29
C GLY L 20 13.21 14.61 -51.38
N ARG L 21 12.77 15.33 -50.36
CA ARG L 21 12.86 16.78 -50.32
C ARG L 21 11.97 17.34 -51.44
N ILE L 22 11.23 18.40 -51.13
CA ILE L 22 10.32 18.98 -52.12
C ILE L 22 10.41 20.50 -52.16
N THR L 23 10.02 21.10 -53.29
CA THR L 23 10.07 22.54 -53.44
C THR L 23 8.67 23.13 -53.26
N GLU L 24 8.62 24.39 -52.83
CA GLU L 24 7.35 25.08 -52.61
C GLU L 24 6.46 24.94 -53.85
N GLU L 25 7.08 25.02 -55.02
CA GLU L 25 6.36 24.89 -56.28
C GLU L 25 5.64 23.55 -56.36
N ASP L 26 6.31 22.49 -55.91
CA ASP L 26 5.71 21.16 -55.93
C ASP L 26 4.60 21.09 -54.89
N LEU L 27 4.76 21.86 -53.82
CA LEU L 27 3.79 21.90 -52.74
C LEU L 27 2.50 22.58 -53.20
N LYS L 28 2.65 23.65 -53.95
CA LYS L 28 1.50 24.39 -54.47
C LYS L 28 0.71 23.52 -55.44
N ALA L 29 1.42 22.68 -56.19
CA ALA L 29 0.78 21.79 -57.16
C ALA L 29 -0.02 20.74 -56.42
N THR L 30 0.54 20.23 -55.33
CA THR L 30 -0.13 19.23 -54.51
C THR L 30 -1.38 19.85 -53.89
N LEU L 31 -1.22 21.04 -53.32
CA LEU L 31 -2.32 21.74 -52.68
C LEU L 31 -3.47 22.00 -53.65
N ARG L 32 -3.13 22.29 -54.91
CA ARG L 32 -4.14 22.54 -55.92
C ARG L 32 -4.91 21.25 -56.18
N GLU L 33 -4.19 20.14 -56.22
CA GLU L 33 -4.80 18.84 -56.44
C GLU L 33 -5.74 18.59 -55.28
N ILE L 34 -5.22 18.75 -54.07
CA ILE L 34 -5.99 18.56 -52.85
C ILE L 34 -7.25 19.43 -52.88
N ARG L 35 -7.08 20.70 -53.26
CA ARG L 35 -8.17 21.67 -53.33
C ARG L 35 -9.22 21.24 -54.34
N ARG L 36 -8.78 20.65 -55.44
CA ARG L 36 -9.68 20.20 -56.48
C ARG L 36 -10.46 18.98 -56.02
N ALA L 37 -9.79 18.09 -55.31
CA ALA L 37 -10.42 16.88 -54.78
C ALA L 37 -11.57 17.24 -53.85
N LEU L 38 -11.33 18.24 -53.00
CA LEU L 38 -12.33 18.70 -52.05
C LEU L 38 -13.55 19.26 -52.77
N MET L 39 -13.31 20.14 -53.75
CA MET L 39 -14.41 20.73 -54.51
C MET L 39 -15.18 19.60 -55.19
N ASP L 40 -14.45 18.68 -55.81
CA ASP L 40 -15.10 17.57 -56.49
C ASP L 40 -15.87 16.66 -55.51
N ALA L 41 -15.55 16.79 -54.23
CA ALA L 41 -16.23 15.99 -53.21
C ALA L 41 -17.36 16.82 -52.61
N ASP L 42 -17.77 17.83 -53.36
CA ASP L 42 -18.85 18.73 -52.96
C ASP L 42 -18.63 19.44 -51.63
N VAL L 43 -17.37 19.70 -51.28
CA VAL L 43 -17.06 20.41 -50.05
C VAL L 43 -17.28 21.91 -50.29
N ASN L 44 -17.96 22.58 -49.37
CA ASN L 44 -18.23 24.00 -49.50
C ASN L 44 -16.96 24.70 -49.97
N LEU L 45 -17.04 25.35 -51.12
CA LEU L 45 -15.89 26.05 -51.71
C LEU L 45 -15.08 26.83 -50.68
N GLU L 46 -15.78 27.50 -49.78
CA GLU L 46 -15.15 28.29 -48.72
C GLU L 46 -14.31 27.39 -47.82
N VAL L 47 -14.92 26.29 -47.37
CA VAL L 47 -14.24 25.35 -46.50
C VAL L 47 -13.00 24.77 -47.19
N ALA L 48 -13.15 24.44 -48.47
CA ALA L 48 -12.07 23.87 -49.27
C ALA L 48 -10.87 24.81 -49.41
N ARG L 49 -11.12 26.08 -49.62
CA ARG L 49 -10.05 27.06 -49.76
C ARG L 49 -9.31 27.21 -48.44
N ASP L 50 -10.07 27.32 -47.36
CA ASP L 50 -9.52 27.46 -46.02
C ASP L 50 -8.66 26.24 -45.68
N PHE L 51 -9.19 25.06 -46.00
CA PHE L 51 -8.51 23.80 -45.75
C PHE L 51 -7.08 23.82 -46.29
N VAL L 52 -6.96 23.91 -47.60
CA VAL L 52 -5.66 23.94 -48.26
C VAL L 52 -4.76 25.08 -47.79
N GLU L 53 -5.33 26.25 -47.49
CA GLU L 53 -4.50 27.34 -47.01
C GLU L 53 -3.94 26.96 -45.64
N ARG L 54 -4.78 26.34 -44.81
CA ARG L 54 -4.38 25.90 -43.49
C ARG L 54 -3.25 24.89 -43.63
N VAL L 55 -3.43 23.92 -44.53
CA VAL L 55 -2.42 22.90 -44.75
C VAL L 55 -1.12 23.56 -45.21
N ARG L 56 -1.23 24.57 -46.06
CA ARG L 56 -0.05 25.28 -46.56
C ARG L 56 0.78 25.84 -45.42
N GLU L 57 0.17 26.70 -44.61
CA GLU L 57 0.84 27.33 -43.48
C GLU L 57 1.39 26.30 -42.50
N GLU L 58 0.52 25.41 -42.04
CA GLU L 58 0.91 24.37 -41.10
C GLU L 58 2.09 23.60 -41.69
N ALA L 59 2.00 23.27 -42.97
CA ALA L 59 3.05 22.54 -43.67
C ALA L 59 4.36 23.30 -43.63
N LEU L 60 4.33 24.58 -43.99
CA LEU L 60 5.53 25.41 -43.97
C LEU L 60 6.05 25.50 -42.54
N GLY L 61 5.14 25.73 -41.60
CA GLY L 61 5.53 25.81 -40.21
C GLY L 61 6.23 24.55 -39.73
N LYS L 62 5.86 23.41 -40.30
CA LYS L 62 6.46 22.13 -39.93
C LYS L 62 7.77 21.89 -40.68
N GLN L 63 8.26 22.94 -41.34
CA GLN L 63 9.50 22.88 -42.11
C GLN L 63 9.48 21.82 -43.21
N VAL L 64 8.36 21.74 -43.92
CA VAL L 64 8.18 20.77 -45.00
C VAL L 64 9.28 20.84 -46.06
N LEU L 65 9.65 22.05 -46.47
CA LEU L 65 10.68 22.23 -47.49
C LEU L 65 12.02 21.68 -47.01
N GLU L 66 12.19 21.64 -45.69
CA GLU L 66 13.40 21.13 -45.09
C GLU L 66 13.17 19.74 -44.53
N SER L 67 12.62 18.85 -45.36
CA SER L 67 12.33 17.49 -44.91
C SER L 67 12.73 16.42 -45.92
N LEU L 68 13.43 15.39 -45.42
CA LEU L 68 13.88 14.28 -46.25
C LEU L 68 12.68 13.44 -46.67
N THR L 69 11.53 13.77 -46.11
CA THR L 69 10.28 13.08 -46.41
C THR L 69 9.12 14.04 -46.17
N PRO L 70 8.76 14.81 -47.19
CA PRO L 70 7.66 15.77 -47.07
C PRO L 70 6.28 15.11 -47.09
N ALA L 71 6.13 14.10 -47.95
CA ALA L 71 4.87 13.38 -48.09
C ALA L 71 4.25 13.05 -46.74
N GLU L 72 5.09 12.77 -45.76
CA GLU L 72 4.62 12.45 -44.42
C GLU L 72 4.14 13.69 -43.68
N VAL L 73 4.89 14.78 -43.77
CA VAL L 73 4.50 16.01 -43.09
C VAL L 73 3.14 16.45 -43.63
N ILE L 74 3.00 16.41 -44.95
CA ILE L 74 1.76 16.79 -45.60
C ILE L 74 0.62 15.87 -45.16
N LEU L 75 0.96 14.63 -44.85
CA LEU L 75 -0.04 13.66 -44.40
C LEU L 75 -0.58 14.06 -43.04
N ALA L 76 0.32 14.34 -42.10
CA ALA L 76 -0.05 14.73 -40.75
C ALA L 76 -0.87 16.01 -40.75
N THR L 77 -0.47 16.97 -41.57
CA THR L 77 -1.18 18.24 -41.64
C THR L 77 -2.57 18.05 -42.23
N VAL L 78 -2.65 17.32 -43.34
CA VAL L 78 -3.93 17.06 -44.00
C VAL L 78 -4.85 16.24 -43.10
N TYR L 79 -4.28 15.37 -42.28
CA TYR L 79 -5.07 14.55 -41.37
C TYR L 79 -5.64 15.46 -40.28
N GLU L 80 -4.85 16.43 -39.85
CA GLU L 80 -5.25 17.37 -38.81
C GLU L 80 -6.39 18.26 -39.29
N ALA L 81 -6.30 18.69 -40.56
CA ALA L 81 -7.33 19.54 -41.15
C ALA L 81 -8.64 18.77 -41.33
N LEU L 82 -8.55 17.53 -41.81
CA LEU L 82 -9.73 16.71 -41.99
C LEU L 82 -10.39 16.49 -40.64
N LYS L 83 -9.58 16.12 -39.64
CA LYS L 83 -10.07 15.88 -38.30
C LYS L 83 -10.81 17.11 -37.77
N GLU L 84 -10.19 18.27 -37.89
CA GLU L 84 -10.80 19.51 -37.42
C GLU L 84 -12.06 19.80 -38.25
N ALA L 85 -11.93 19.66 -39.57
CA ALA L 85 -13.04 19.90 -40.48
C ALA L 85 -14.25 19.04 -40.15
N LEU L 86 -13.98 17.78 -39.77
CA LEU L 86 -15.04 16.84 -39.43
C LEU L 86 -15.71 17.15 -38.10
N GLY L 87 -15.11 18.05 -37.32
CA GLY L 87 -15.70 18.40 -36.04
C GLY L 87 -14.73 18.41 -34.88
N GLY L 88 -13.54 17.86 -35.09
CA GLY L 88 -12.54 17.83 -34.04
C GLY L 88 -12.73 16.70 -33.04
N GLU L 89 -13.13 17.06 -31.82
CA GLU L 89 -13.35 16.07 -30.78
C GLU L 89 -14.76 15.49 -30.89
N ALA L 90 -14.86 14.18 -30.73
CA ALA L 90 -16.14 13.48 -30.81
C ALA L 90 -17.10 13.96 -29.71
N ARG L 91 -18.36 14.15 -30.07
CA ARG L 91 -19.37 14.58 -29.12
C ARG L 91 -20.60 13.66 -29.17
N LEU L 92 -21.39 13.70 -28.11
CA LEU L 92 -22.59 12.89 -28.02
C LEU L 92 -23.56 13.59 -27.08
N PRO L 93 -24.87 13.44 -27.33
CA PRO L 93 -25.88 14.08 -26.48
C PRO L 93 -25.69 13.69 -25.02
N VAL L 94 -25.77 14.67 -24.14
CA VAL L 94 -25.61 14.41 -22.70
C VAL L 94 -26.94 14.01 -22.08
N LEU L 95 -27.01 12.77 -21.60
CA LEU L 95 -28.23 12.25 -20.98
C LEU L 95 -28.39 12.69 -19.53
N LYS L 96 -29.62 12.98 -19.14
CA LYS L 96 -29.91 13.41 -17.79
C LYS L 96 -30.78 12.35 -17.11
N ASP L 97 -31.60 12.80 -16.15
CA ASP L 97 -32.50 11.93 -15.42
C ASP L 97 -33.53 11.38 -16.41
N ARG L 98 -34.16 12.29 -17.13
CA ARG L 98 -35.16 11.94 -18.15
C ARG L 98 -34.81 12.79 -19.36
N ASN L 99 -34.94 12.20 -20.54
CA ASN L 99 -34.62 12.90 -21.77
C ASN L 99 -35.75 12.85 -22.79
N LEU L 100 -35.91 13.95 -23.51
CA LEU L 100 -36.93 14.08 -24.54
C LEU L 100 -36.28 14.74 -25.75
N TRP L 101 -36.14 13.99 -26.83
CA TRP L 101 -35.52 14.51 -28.05
C TRP L 101 -36.47 14.55 -29.23
N PHE L 102 -36.23 15.52 -30.12
CA PHE L 102 -37.02 15.69 -31.33
C PHE L 102 -36.15 15.23 -32.49
N LEU L 103 -36.76 14.63 -33.50
CA LEU L 103 -36.03 14.23 -34.67
C LEU L 103 -36.66 15.04 -35.80
N VAL L 104 -35.85 15.83 -36.50
CA VAL L 104 -36.38 16.63 -37.59
C VAL L 104 -35.55 16.45 -38.86
N GLY L 105 -36.14 16.81 -39.99
CA GLY L 105 -35.48 16.69 -41.26
C GLY L 105 -36.57 16.58 -42.30
N LEU L 106 -36.20 16.58 -43.56
CA LEU L 106 -37.18 16.46 -44.63
C LEU L 106 -37.40 14.98 -44.93
N GLN L 107 -38.37 14.69 -45.79
CA GLN L 107 -38.67 13.33 -46.15
C GLN L 107 -37.47 12.68 -46.83
N GLY L 108 -37.34 11.37 -46.68
CA GLY L 108 -36.23 10.67 -47.29
C GLY L 108 -34.88 11.05 -46.72
N SER L 109 -34.89 11.62 -45.52
CA SER L 109 -33.65 12.03 -44.87
C SER L 109 -33.03 10.87 -44.10
N GLY L 110 -33.89 9.97 -43.63
CA GLY L 110 -33.43 8.84 -42.83
C GLY L 110 -33.87 9.12 -41.41
N LYS L 111 -34.65 10.18 -41.28
CA LYS L 111 -35.18 10.65 -39.99
C LYS L 111 -35.88 9.57 -39.19
N THR L 112 -36.96 9.01 -39.74
CA THR L 112 -37.72 7.99 -39.04
C THR L 112 -36.85 6.77 -38.74
N THR L 113 -36.05 6.36 -39.70
CA THR L 113 -35.17 5.21 -39.55
C THR L 113 -34.21 5.47 -38.40
N THR L 114 -33.58 6.63 -38.44
CA THR L 114 -32.63 7.03 -37.42
C THR L 114 -33.34 7.06 -36.06
N ALA L 115 -34.63 7.35 -36.08
CA ALA L 115 -35.42 7.40 -34.85
C ALA L 115 -35.38 6.06 -34.12
N ALA L 116 -35.58 4.98 -34.85
CA ALA L 116 -35.55 3.64 -34.26
C ALA L 116 -34.12 3.26 -33.89
N LYS L 117 -33.17 3.64 -34.74
CA LYS L 117 -31.76 3.35 -34.49
C LYS L 117 -31.31 3.93 -33.14
N LEU L 118 -31.78 5.13 -32.83
CA LEU L 118 -31.44 5.77 -31.58
C LEU L 118 -32.07 5.03 -30.40
N ALA L 119 -33.34 4.66 -30.55
CA ALA L 119 -34.05 3.94 -29.51
C ALA L 119 -33.35 2.61 -29.23
N LEU L 120 -32.93 1.94 -30.30
CA LEU L 120 -32.24 0.65 -30.18
C LEU L 120 -30.85 0.81 -29.62
N TYR L 121 -30.16 1.85 -30.08
CA TYR L 121 -28.80 2.13 -29.61
C TYR L 121 -28.78 2.35 -28.11
N TYR L 122 -29.67 3.23 -27.63
CA TYR L 122 -29.74 3.56 -26.22
C TYR L 122 -30.45 2.48 -25.40
N LYS L 123 -31.15 1.58 -26.10
CA LYS L 123 -31.82 0.48 -25.42
C LYS L 123 -30.75 -0.49 -24.95
N GLY L 124 -29.65 -0.56 -25.72
CA GLY L 124 -28.56 -1.44 -25.39
C GLY L 124 -27.55 -0.80 -24.46
N LYS L 125 -27.79 0.47 -24.14
CA LYS L 125 -26.90 1.20 -23.24
C LYS L 125 -27.54 1.29 -21.86
N GLY L 126 -28.63 0.57 -21.67
CA GLY L 126 -29.33 0.56 -20.39
C GLY L 126 -30.44 1.57 -20.24
N ARG L 127 -31.00 2.04 -21.35
CA ARG L 127 -32.09 3.00 -21.31
C ARG L 127 -33.40 2.34 -21.68
N ARG L 128 -34.50 3.05 -21.41
CA ARG L 128 -35.84 2.57 -21.73
C ARG L 128 -36.48 3.62 -22.63
N PRO L 129 -36.21 3.55 -23.94
CA PRO L 129 -36.76 4.53 -24.88
C PRO L 129 -38.25 4.40 -25.22
N LEU L 130 -38.82 5.52 -25.63
CA LEU L 130 -40.20 5.59 -26.07
C LEU L 130 -40.16 6.35 -27.39
N LEU L 131 -40.68 5.71 -28.44
CA LEU L 131 -40.71 6.34 -29.74
C LEU L 131 -42.10 6.93 -29.92
N VAL L 132 -42.19 8.09 -30.56
CA VAL L 132 -43.47 8.73 -30.80
C VAL L 132 -43.54 9.25 -32.22
N ALA L 133 -44.60 8.87 -32.93
CA ALA L 133 -44.82 9.29 -34.30
C ALA L 133 -45.59 10.60 -34.24
N ALA L 134 -44.86 11.71 -34.36
CA ALA L 134 -45.43 13.04 -34.28
C ALA L 134 -46.13 13.59 -35.52
N ASP L 135 -46.19 12.82 -36.60
CA ASP L 135 -46.85 13.31 -37.81
C ASP L 135 -48.36 13.34 -37.57
N THR L 136 -48.92 14.54 -37.48
CA THR L 136 -50.35 14.72 -37.23
C THR L 136 -51.20 14.72 -38.50
N GLN L 137 -50.57 14.56 -39.65
CA GLN L 137 -51.32 14.57 -40.90
C GLN L 137 -51.37 13.23 -41.62
N ARG L 138 -50.27 12.50 -41.60
CA ARG L 138 -50.21 11.23 -42.32
C ARG L 138 -50.09 9.96 -41.48
N PRO L 139 -51.16 9.17 -41.44
CA PRO L 139 -51.22 7.90 -40.69
C PRO L 139 -50.19 6.88 -41.17
N ALA L 140 -49.89 6.89 -42.47
CA ALA L 140 -48.92 5.97 -43.03
C ALA L 140 -47.52 6.26 -42.48
N ALA L 141 -47.27 7.51 -42.11
CA ALA L 141 -45.98 7.90 -41.56
C ALA L 141 -45.80 7.35 -40.14
N ARG L 142 -46.86 7.45 -39.33
CA ARG L 142 -46.80 6.93 -37.97
C ARG L 142 -46.70 5.41 -38.02
N GLU L 143 -47.30 4.84 -39.06
CA GLU L 143 -47.32 3.39 -39.26
C GLU L 143 -45.92 2.83 -39.53
N GLN L 144 -45.10 3.62 -40.21
CA GLN L 144 -43.75 3.18 -40.54
C GLN L 144 -42.89 3.08 -39.28
N LEU L 145 -43.18 3.92 -38.29
CA LEU L 145 -42.44 3.92 -37.04
C LEU L 145 -43.01 2.90 -36.07
N ARG L 146 -44.31 2.65 -36.18
CA ARG L 146 -44.97 1.67 -35.31
C ARG L 146 -44.33 0.31 -35.60
N LEU L 147 -44.05 0.07 -36.88
CA LEU L 147 -43.43 -1.18 -37.32
C LEU L 147 -42.00 -1.26 -36.82
N LEU L 148 -41.23 -0.20 -37.03
CA LEU L 148 -39.84 -0.15 -36.61
C LEU L 148 -39.69 -0.41 -35.12
N GLY L 149 -40.48 0.30 -34.31
CA GLY L 149 -40.42 0.10 -32.87
C GLY L 149 -40.72 -1.34 -32.54
N GLU L 150 -41.63 -1.92 -33.30
CA GLU L 150 -42.03 -3.30 -33.13
C GLU L 150 -40.85 -4.19 -33.51
N LYS L 151 -39.95 -3.65 -34.33
CA LYS L 151 -38.78 -4.38 -34.76
C LYS L 151 -37.62 -4.28 -33.78
N VAL L 152 -37.47 -3.13 -33.12
CA VAL L 152 -36.39 -2.93 -32.16
C VAL L 152 -36.85 -3.14 -30.72
N GLY L 153 -38.09 -3.58 -30.56
CA GLY L 153 -38.63 -3.82 -29.23
C GLY L 153 -38.74 -2.57 -28.39
N VAL L 154 -39.17 -1.47 -29.01
CA VAL L 154 -39.34 -0.19 -28.33
C VAL L 154 -40.76 0.30 -28.53
N PRO L 155 -41.48 0.57 -27.42
CA PRO L 155 -42.87 1.05 -27.52
C PRO L 155 -43.00 2.33 -28.34
N VAL L 156 -44.13 2.46 -29.03
CA VAL L 156 -44.38 3.62 -29.86
C VAL L 156 -45.74 4.27 -29.64
N LEU L 157 -45.75 5.58 -29.40
CA LEU L 157 -47.00 6.30 -29.23
C LEU L 157 -47.25 7.13 -30.48
N GLU L 158 -48.37 6.89 -31.13
CA GLU L 158 -48.73 7.62 -32.34
C GLU L 158 -49.74 8.71 -32.01
N VAL L 159 -49.43 9.94 -32.42
CA VAL L 159 -50.35 11.03 -32.18
C VAL L 159 -51.58 10.82 -33.03
N MET L 160 -52.65 11.56 -32.73
CA MET L 160 -53.87 11.46 -33.49
C MET L 160 -53.85 12.47 -34.62
N ASP L 161 -54.82 12.34 -35.53
CA ASP L 161 -54.91 13.24 -36.66
C ASP L 161 -55.28 14.63 -36.13
N GLY L 162 -54.40 15.59 -36.36
CA GLY L 162 -54.65 16.94 -35.91
C GLY L 162 -54.56 17.16 -34.42
N GLU L 163 -54.02 16.18 -33.68
CA GLU L 163 -53.89 16.31 -32.24
C GLU L 163 -53.11 17.56 -31.85
N SER L 164 -53.50 18.18 -30.75
CA SER L 164 -52.84 19.38 -30.24
C SER L 164 -51.52 19.01 -29.58
N PRO L 165 -50.63 20.00 -29.40
CA PRO L 165 -49.33 19.72 -28.76
C PRO L 165 -49.50 19.38 -27.29
N GLU L 166 -50.46 20.03 -26.64
CA GLU L 166 -50.75 19.81 -25.23
C GLU L 166 -51.25 18.39 -25.01
N SER L 167 -52.17 17.96 -25.88
CA SER L 167 -52.73 16.60 -25.79
C SER L 167 -51.59 15.61 -25.95
N ILE L 168 -50.73 15.84 -26.93
CA ILE L 168 -49.60 14.97 -27.19
C ILE L 168 -48.68 14.92 -25.98
N ARG L 169 -48.48 16.06 -25.33
CA ARG L 169 -47.61 16.15 -24.16
C ARG L 169 -48.17 15.36 -23.00
N ARG L 170 -49.46 15.56 -22.72
CA ARG L 170 -50.13 14.86 -21.63
C ARG L 170 -49.99 13.35 -21.85
N ARG L 171 -50.44 12.88 -23.02
CA ARG L 171 -50.39 11.48 -23.39
C ARG L 171 -48.99 10.86 -23.31
N VAL L 172 -48.01 11.58 -23.85
CA VAL L 172 -46.64 11.11 -23.86
C VAL L 172 -46.07 11.06 -22.43
N GLU L 173 -46.38 12.06 -21.64
CA GLU L 173 -45.89 12.12 -20.27
C GLU L 173 -46.44 10.99 -19.42
N GLU L 174 -47.72 10.69 -19.62
CA GLU L 174 -48.38 9.62 -18.87
C GLU L 174 -47.79 8.26 -19.23
N LYS L 175 -47.63 8.00 -20.53
CA LYS L 175 -47.09 6.72 -20.97
C LYS L 175 -45.69 6.52 -20.39
N ALA L 176 -44.85 7.52 -20.53
CA ALA L 176 -43.49 7.45 -20.02
C ALA L 176 -43.52 7.16 -18.53
N ARG L 177 -44.53 7.69 -17.85
CA ARG L 177 -44.67 7.48 -16.42
C ARG L 177 -45.05 6.05 -16.11
N LEU L 178 -46.10 5.56 -16.76
CA LEU L 178 -46.59 4.20 -16.55
C LEU L 178 -45.67 3.10 -17.09
N GLU L 179 -44.83 3.43 -18.06
CA GLU L 179 -43.93 2.43 -18.63
C GLU L 179 -42.47 2.62 -18.26
N ALA L 180 -42.21 3.63 -17.43
CA ALA L 180 -40.87 3.94 -16.94
C ALA L 180 -39.86 4.34 -18.01
N ARG L 181 -40.32 5.06 -19.03
CA ARG L 181 -39.42 5.51 -20.10
C ARG L 181 -38.54 6.67 -19.63
N ASP L 182 -37.26 6.64 -19.99
CA ASP L 182 -36.35 7.72 -19.62
C ASP L 182 -35.91 8.49 -20.87
N LEU L 183 -35.95 7.82 -22.01
CA LEU L 183 -35.58 8.45 -23.28
C LEU L 183 -36.83 8.49 -24.15
N ILE L 184 -37.29 9.70 -24.48
CA ILE L 184 -38.47 9.90 -25.30
C ILE L 184 -38.06 10.48 -26.65
N LEU L 185 -38.24 9.70 -27.71
CA LEU L 185 -37.87 10.14 -29.06
C LEU L 185 -39.07 10.58 -29.89
N VAL L 186 -39.10 11.86 -30.26
CA VAL L 186 -40.19 12.40 -31.06
C VAL L 186 -39.85 12.57 -32.53
N ASP L 187 -40.43 11.73 -33.37
CA ASP L 187 -40.23 11.78 -34.81
C ASP L 187 -41.29 12.72 -35.34
N THR L 188 -40.85 13.88 -35.85
CA THR L 188 -41.80 14.86 -36.38
C THR L 188 -42.05 14.62 -37.86
N ALA L 189 -43.13 15.22 -38.37
CA ALA L 189 -43.52 15.07 -39.76
C ALA L 189 -42.41 15.34 -40.76
N GLY L 190 -42.25 14.42 -41.71
CA GLY L 190 -41.26 14.58 -42.75
C GLY L 190 -41.94 15.03 -44.01
N ARG L 191 -41.45 16.10 -44.62
CA ARG L 191 -42.04 16.62 -45.86
C ARG L 191 -40.96 16.72 -46.94
N LEU L 192 -41.38 16.91 -48.18
CA LEU L 192 -40.46 17.02 -49.31
C LEU L 192 -39.59 18.28 -49.20
N GLN L 193 -40.24 19.42 -49.00
CA GLN L 193 -39.55 20.69 -48.87
C GLN L 193 -39.95 21.32 -47.55
N ILE L 194 -39.28 22.41 -47.17
CA ILE L 194 -39.61 23.09 -45.93
C ILE L 194 -41.04 23.63 -46.03
N ASP L 195 -41.87 23.26 -45.05
CA ASP L 195 -43.25 23.70 -45.02
C ASP L 195 -43.43 24.68 -43.86
N GLU L 196 -43.53 25.96 -44.18
CA GLU L 196 -43.69 26.98 -43.16
C GLU L 196 -44.76 26.65 -42.12
N PRO L 197 -45.94 26.22 -42.57
CA PRO L 197 -46.96 25.90 -41.57
C PRO L 197 -46.43 24.84 -40.60
N LEU L 198 -45.77 23.83 -41.16
CA LEU L 198 -45.22 22.74 -40.37
C LEU L 198 -44.20 23.24 -39.36
N MET L 199 -43.33 24.14 -39.80
CA MET L 199 -42.31 24.69 -38.92
C MET L 199 -43.00 25.39 -37.76
N GLY L 200 -44.09 26.09 -38.04
CA GLY L 200 -44.82 26.77 -36.99
C GLY L 200 -45.28 25.76 -35.95
N GLU L 201 -45.89 24.68 -36.44
CA GLU L 201 -46.38 23.61 -35.58
C GLU L 201 -45.25 22.90 -34.83
N LEU L 202 -44.08 22.82 -35.47
CA LEU L 202 -42.93 22.19 -34.85
C LEU L 202 -42.36 23.13 -33.78
N ALA L 203 -42.47 24.43 -34.02
CA ALA L 203 -42.00 25.42 -33.07
C ALA L 203 -42.89 25.38 -31.83
N ARG L 204 -44.19 25.28 -32.05
CA ARG L 204 -45.15 25.22 -30.96
C ARG L 204 -44.93 23.95 -30.14
N LEU L 205 -44.73 22.84 -30.84
CA LEU L 205 -44.47 21.57 -30.18
C LEU L 205 -43.21 21.71 -29.36
N LYS L 206 -42.16 22.25 -29.98
CA LYS L 206 -40.89 22.47 -29.30
C LYS L 206 -41.11 23.25 -28.00
N GLU L 207 -42.05 24.18 -28.05
CA GLU L 207 -42.39 25.02 -26.91
C GLU L 207 -43.18 24.25 -25.86
N VAL L 208 -44.14 23.45 -26.30
CA VAL L 208 -44.98 22.67 -25.39
C VAL L 208 -44.26 21.48 -24.77
N LEU L 209 -43.45 20.79 -25.56
CA LEU L 209 -42.74 19.61 -25.08
C LEU L 209 -41.42 19.92 -24.39
N GLY L 210 -40.76 20.98 -24.84
CA GLY L 210 -39.49 21.37 -24.24
C GLY L 210 -38.44 20.28 -24.36
N PRO L 211 -38.10 19.87 -25.59
CA PRO L 211 -37.09 18.83 -25.79
C PRO L 211 -35.69 19.22 -25.32
N ASP L 212 -34.95 18.23 -24.83
CA ASP L 212 -33.60 18.45 -24.36
C ASP L 212 -32.70 18.59 -25.57
N GLU L 213 -33.03 17.85 -26.63
CA GLU L 213 -32.27 17.87 -27.87
C GLU L 213 -33.17 17.90 -29.09
N VAL L 214 -32.70 18.56 -30.14
CA VAL L 214 -33.44 18.63 -31.39
C VAL L 214 -32.49 18.17 -32.46
N LEU L 215 -32.52 16.88 -32.75
CA LEU L 215 -31.64 16.31 -33.78
C LEU L 215 -32.22 16.43 -35.18
N LEU L 216 -31.48 17.08 -36.07
CA LEU L 216 -31.91 17.22 -37.45
C LEU L 216 -31.21 16.12 -38.23
N VAL L 217 -32.00 15.31 -38.94
CA VAL L 217 -31.45 14.21 -39.72
C VAL L 217 -31.30 14.63 -41.19
N LEU L 218 -30.06 14.59 -41.67
CA LEU L 218 -29.77 14.97 -43.04
C LEU L 218 -29.16 13.82 -43.84
N ASP L 219 -29.66 13.63 -45.06
CA ASP L 219 -29.15 12.57 -45.95
C ASP L 219 -27.83 13.06 -46.55
N ALA L 220 -26.73 12.43 -46.17
CA ALA L 220 -25.42 12.82 -46.64
C ALA L 220 -25.24 12.84 -48.16
N MET L 221 -26.01 12.02 -48.86
CA MET L 221 -25.87 11.96 -50.32
C MET L 221 -26.48 13.16 -51.03
N THR L 222 -27.04 14.10 -50.26
CA THR L 222 -27.65 15.29 -50.85
C THR L 222 -26.64 16.43 -50.88
N GLY L 223 -25.42 16.13 -50.48
CA GLY L 223 -24.34 17.10 -50.49
C GLY L 223 -24.52 18.39 -49.69
N GLN L 224 -24.21 19.51 -50.34
CA GLN L 224 -24.31 20.80 -49.70
C GLN L 224 -25.74 21.26 -49.49
N GLU L 225 -26.68 20.66 -50.21
CA GLU L 225 -28.08 21.02 -50.07
C GLU L 225 -28.52 20.74 -48.64
N ALA L 226 -27.97 19.68 -48.07
CA ALA L 226 -28.29 19.27 -46.70
C ALA L 226 -27.86 20.35 -45.70
N LEU L 227 -26.98 21.24 -46.11
CA LEU L 227 -26.51 22.29 -45.23
C LEU L 227 -27.40 23.53 -45.31
N SER L 228 -27.96 23.77 -46.48
CA SER L 228 -28.86 24.91 -46.65
C SER L 228 -30.15 24.56 -45.91
N VAL L 229 -30.47 23.28 -45.86
CA VAL L 229 -31.66 22.83 -45.17
C VAL L 229 -31.41 22.91 -43.66
N ALA L 230 -30.22 22.51 -43.25
CA ALA L 230 -29.83 22.54 -41.84
C ALA L 230 -29.96 23.96 -41.31
N ARG L 231 -29.61 24.94 -42.14
CA ARG L 231 -29.70 26.34 -41.73
C ARG L 231 -31.18 26.72 -41.63
N ALA L 232 -31.97 26.27 -42.59
CA ALA L 232 -33.39 26.56 -42.61
C ALA L 232 -34.06 26.00 -41.37
N PHE L 233 -33.75 24.76 -41.03
CA PHE L 233 -34.34 24.13 -39.86
C PHE L 233 -33.89 24.80 -38.57
N ASP L 234 -32.63 25.24 -38.53
CA ASP L 234 -32.10 25.89 -37.34
C ASP L 234 -32.73 27.28 -37.14
N GLU L 235 -32.99 27.97 -38.23
CA GLU L 235 -33.58 29.30 -38.18
C GLU L 235 -35.09 29.24 -37.96
N LYS L 236 -35.74 28.20 -38.47
CA LYS L 236 -37.18 28.06 -38.34
C LYS L 236 -37.67 27.28 -37.12
N VAL L 237 -36.85 26.36 -36.61
CA VAL L 237 -37.24 25.57 -35.43
C VAL L 237 -36.17 25.55 -34.34
N GLY L 238 -34.91 25.41 -34.74
CA GLY L 238 -33.83 25.38 -33.76
C GLY L 238 -33.21 23.99 -33.64
N VAL L 239 -31.95 23.87 -34.06
CA VAL L 239 -31.27 22.59 -34.02
C VAL L 239 -30.17 22.58 -32.95
N THR L 240 -29.96 21.41 -32.35
CA THR L 240 -28.94 21.26 -31.33
C THR L 240 -27.86 20.27 -31.79
N GLY L 241 -28.24 19.33 -32.64
CA GLY L 241 -27.30 18.35 -33.14
C GLY L 241 -27.69 17.79 -34.50
N LEU L 242 -26.73 17.17 -35.17
CA LEU L 242 -26.96 16.58 -36.50
C LEU L 242 -26.71 15.08 -36.56
N VAL L 243 -27.36 14.42 -37.52
CA VAL L 243 -27.19 13.00 -37.75
C VAL L 243 -27.00 12.82 -39.25
N LEU L 244 -25.82 12.37 -39.66
CA LEU L 244 -25.52 12.16 -41.07
C LEU L 244 -25.84 10.73 -41.50
N THR L 245 -26.95 10.56 -42.19
CA THR L 245 -27.38 9.24 -42.67
C THR L 245 -26.90 8.94 -44.09
N LYS L 246 -26.93 7.66 -44.44
CA LYS L 246 -26.52 7.20 -45.76
C LYS L 246 -25.07 7.57 -46.07
N LEU L 247 -24.22 7.47 -45.06
CA LEU L 247 -22.80 7.77 -45.21
C LEU L 247 -22.11 6.61 -45.92
N ASP L 248 -22.74 5.44 -45.88
CA ASP L 248 -22.20 4.25 -46.54
C ASP L 248 -22.37 4.39 -48.05
N GLY L 249 -23.32 5.24 -48.45
CA GLY L 249 -23.54 5.49 -49.86
C GLY L 249 -22.91 6.81 -50.25
N ASP L 250 -22.34 7.50 -49.27
CA ASP L 250 -21.69 8.79 -49.49
C ASP L 250 -20.27 8.60 -50.02
N ALA L 251 -20.10 8.80 -51.33
CA ALA L 251 -18.80 8.64 -51.97
C ALA L 251 -17.95 9.89 -51.93
N ARG L 252 -18.59 11.04 -51.76
CA ARG L 252 -17.88 12.32 -51.71
C ARG L 252 -17.52 12.68 -50.27
N GLY L 253 -18.53 13.06 -49.49
CA GLY L 253 -18.31 13.45 -48.11
C GLY L 253 -18.33 14.95 -47.92
N GLY L 254 -18.87 15.67 -48.91
CA GLY L 254 -18.92 17.12 -48.81
C GLY L 254 -19.69 17.66 -47.64
N ALA L 255 -20.84 17.06 -47.35
CA ALA L 255 -21.68 17.49 -46.24
C ALA L 255 -20.99 17.25 -44.90
N ALA L 256 -20.39 16.08 -44.77
CA ALA L 256 -19.69 15.70 -43.54
C ALA L 256 -18.56 16.68 -43.21
N LEU L 257 -17.73 16.95 -44.21
CA LEU L 257 -16.58 17.85 -44.06
C LEU L 257 -16.95 19.33 -44.00
N SER L 258 -18.21 19.66 -44.26
CA SER L 258 -18.64 21.06 -44.26
C SER L 258 -19.64 21.46 -43.18
N ALA L 259 -20.24 20.48 -42.50
CA ALA L 259 -21.23 20.74 -41.46
C ALA L 259 -20.76 21.69 -40.37
N ARG L 260 -19.52 21.53 -39.93
CA ARG L 260 -18.98 22.37 -38.87
C ARG L 260 -19.06 23.86 -39.21
N HIS L 261 -18.34 24.24 -40.25
CA HIS L 261 -18.29 25.63 -40.69
C HIS L 261 -19.63 26.17 -41.18
N VAL L 262 -20.32 25.37 -41.99
CA VAL L 262 -21.59 25.80 -42.54
C VAL L 262 -22.75 25.90 -41.55
N THR L 263 -22.96 24.87 -40.76
CA THR L 263 -24.06 24.88 -39.80
C THR L 263 -23.68 25.28 -38.37
N GLY L 264 -22.45 24.97 -37.97
CA GLY L 264 -22.03 25.31 -36.62
C GLY L 264 -22.67 24.39 -35.60
N LYS L 265 -23.24 23.28 -36.09
CA LYS L 265 -23.89 22.29 -35.24
C LYS L 265 -23.00 21.05 -35.18
N PRO L 266 -23.06 20.30 -34.07
CA PRO L 266 -22.25 19.10 -33.92
C PRO L 266 -22.93 17.85 -34.48
N ILE L 267 -22.17 17.02 -35.19
CA ILE L 267 -22.71 15.78 -35.74
C ILE L 267 -22.55 14.70 -34.68
N TYR L 268 -23.66 14.33 -34.04
CA TYR L 268 -23.63 13.32 -32.99
C TYR L 268 -23.51 11.89 -33.50
N PHE L 269 -24.29 11.56 -34.52
CA PHE L 269 -24.30 10.21 -35.08
C PHE L 269 -24.15 10.13 -36.59
N ALA L 270 -23.80 8.93 -37.05
CA ALA L 270 -23.63 8.67 -38.47
C ALA L 270 -24.43 7.41 -38.83
N GLY L 271 -25.23 7.49 -39.88
CA GLY L 271 -26.01 6.35 -40.33
C GLY L 271 -25.15 5.54 -41.29
N VAL L 272 -25.02 4.25 -41.06
CA VAL L 272 -24.17 3.43 -41.93
C VAL L 272 -24.85 2.21 -42.58
N SER L 273 -26.18 2.18 -42.56
CA SER L 273 -26.94 1.08 -43.17
C SER L 273 -28.43 1.32 -42.94
N GLU L 274 -29.26 0.61 -43.70
CA GLU L 274 -30.70 0.74 -43.57
C GLU L 274 -31.21 -0.10 -42.40
N LYS L 275 -30.33 -0.88 -41.79
CA LYS L 275 -30.71 -1.72 -40.66
C LYS L 275 -30.72 -0.93 -39.35
N PRO L 276 -31.65 -1.26 -38.44
CA PRO L 276 -31.79 -0.60 -37.14
C PRO L 276 -30.50 -0.51 -36.33
N GLU L 277 -29.52 -1.33 -36.68
CA GLU L 277 -28.25 -1.35 -35.99
C GLU L 277 -27.22 -0.49 -36.72
N GLY L 278 -27.59 -0.01 -37.90
CA GLY L 278 -26.70 0.81 -38.70
C GLY L 278 -26.45 2.21 -38.19
N LEU L 279 -26.06 2.32 -36.92
CA LEU L 279 -25.77 3.61 -36.30
C LEU L 279 -24.56 3.51 -35.39
N GLU L 280 -23.84 4.62 -35.27
CA GLU L 280 -22.66 4.69 -34.44
C GLU L 280 -22.31 6.14 -34.20
N PRO L 281 -21.68 6.44 -33.05
CA PRO L 281 -21.32 7.82 -32.74
C PRO L 281 -20.34 8.37 -33.78
N PHE L 282 -20.52 9.64 -34.15
CA PHE L 282 -19.66 10.28 -35.12
C PHE L 282 -18.26 10.48 -34.53
N TYR L 283 -17.26 9.93 -35.19
CA TYR L 283 -15.89 10.01 -34.73
C TYR L 283 -14.99 10.71 -35.75
N PRO L 284 -14.85 12.03 -35.64
CA PRO L 284 -14.02 12.82 -36.57
C PRO L 284 -12.62 12.24 -36.74
N GLU L 285 -11.99 11.87 -35.63
CA GLU L 285 -10.66 11.30 -35.64
C GLU L 285 -10.62 10.04 -36.50
N ARG L 286 -11.61 9.17 -36.29
CA ARG L 286 -11.71 7.93 -37.04
C ARG L 286 -11.78 8.19 -38.54
N LEU L 287 -12.79 8.94 -38.96
CA LEU L 287 -12.99 9.25 -40.37
C LEU L 287 -11.80 9.95 -40.99
N ALA L 288 -11.24 10.92 -40.27
CA ALA L 288 -10.08 11.65 -40.78
C ALA L 288 -8.99 10.64 -41.17
N GLY L 289 -8.60 9.82 -40.20
CA GLY L 289 -7.56 8.82 -40.43
C GLY L 289 -7.98 7.78 -41.43
N ARG L 290 -9.27 7.46 -41.45
CA ARG L 290 -9.79 6.46 -42.38
C ARG L 290 -9.63 6.95 -43.82
N ILE L 291 -10.03 8.19 -44.06
CA ILE L 291 -9.95 8.81 -45.38
C ILE L 291 -8.53 8.77 -45.96
N LEU L 292 -7.54 8.78 -45.08
CA LEU L 292 -6.15 8.77 -45.50
C LEU L 292 -5.49 7.40 -45.35
N GLY L 293 -6.19 6.47 -44.70
CA GLY L 293 -5.65 5.15 -44.51
C GLY L 293 -4.86 5.05 -43.23
N MET L 294 -4.76 6.17 -42.51
CA MET L 294 -4.02 6.23 -41.26
C MET L 294 -4.37 5.07 -40.33
N GLN M 1 1.77 -3.62 -6.87
CA GLN M 1 1.42 -5.06 -7.10
C GLN M 1 0.18 -5.22 -7.98
N PHE M 2 0.36 -5.85 -9.13
CA PHE M 2 -0.72 -6.08 -10.08
C PHE M 2 -1.12 -7.56 -10.12
N THR M 3 -2.27 -7.88 -9.53
CA THR M 3 -2.77 -9.24 -9.48
C THR M 3 -3.62 -9.58 -10.71
N LEU M 4 -4.11 -10.81 -10.78
CA LEU M 4 -4.94 -11.24 -11.91
C LEU M 4 -6.34 -10.70 -11.74
N ARG M 5 -6.75 -10.44 -10.49
CA ARG M 5 -8.06 -9.89 -10.21
C ARG M 5 -8.01 -8.41 -10.62
N ASP M 6 -6.86 -7.79 -10.39
CA ASP M 6 -6.62 -6.40 -10.77
C ASP M 6 -6.75 -6.25 -12.28
N MET M 7 -6.22 -7.24 -13.01
CA MET M 7 -6.30 -7.23 -14.45
C MET M 7 -7.74 -7.44 -14.87
N TYR M 8 -8.45 -8.29 -14.13
CA TYR M 8 -9.85 -8.60 -14.41
C TYR M 8 -10.68 -7.31 -14.33
N GLU M 9 -10.43 -6.56 -13.26
CA GLU M 9 -11.12 -5.30 -12.98
C GLU M 9 -10.85 -4.21 -14.02
N GLN M 10 -9.59 -4.09 -14.44
CA GLN M 10 -9.23 -3.11 -15.45
C GLN M 10 -9.97 -3.44 -16.75
N PHE M 11 -10.10 -4.73 -17.04
CA PHE M 11 -10.80 -5.16 -18.24
C PHE M 11 -12.27 -4.77 -18.17
N GLN M 12 -12.85 -4.81 -16.97
CA GLN M 12 -14.25 -4.45 -16.79
C GLN M 12 -14.46 -2.96 -17.08
N ASN M 13 -13.57 -2.14 -16.53
CA ASN M 13 -13.61 -0.69 -16.70
C ASN M 13 -13.40 -0.25 -18.14
N ILE M 14 -12.53 -0.95 -18.85
CA ILE M 14 -12.23 -0.65 -20.24
C ILE M 14 -13.42 -1.00 -21.14
N MET M 15 -14.09 -2.11 -20.86
CA MET M 15 -15.25 -2.54 -21.65
C MET M 15 -16.42 -1.59 -21.42
N LYS M 16 -16.59 -1.20 -20.15
CA LYS M 16 -17.66 -0.30 -19.73
C LYS M 16 -17.61 1.06 -20.44
N MET M 17 -16.42 1.63 -20.52
CA MET M 17 -16.23 2.94 -21.16
C MET M 17 -16.16 2.84 -22.69
N GLY M 18 -16.29 1.63 -23.22
CA GLY M 18 -16.25 1.42 -24.65
C GLY M 18 -17.33 2.16 -25.43
N PRO M 19 -18.63 1.91 -25.15
CA PRO M 19 -19.76 2.57 -25.83
C PRO M 19 -19.60 4.09 -25.80
N PHE M 20 -20.22 4.70 -24.67
CA PHE M 20 -19.52 5.88 -24.17
C PHE M 20 -18.73 6.51 -25.31
N SER M 21 -18.22 5.98 -25.85
CA SER M 21 -17.25 5.82 -26.94
C SER M 21 -17.50 6.91 -27.98
N GLN M 22 -18.75 7.33 -28.09
CA GLN M 22 -19.14 8.37 -29.03
C GLN M 22 -18.56 9.69 -28.54
N ILE M 23 -18.79 9.98 -27.25
CA ILE M 23 -18.30 11.21 -26.61
C ILE M 23 -16.79 11.33 -26.73
N LEU M 24 -16.08 10.22 -26.51
CA LEU M 24 -14.63 10.18 -26.59
C LEU M 24 -14.14 10.61 -27.97
N GLY M 25 -14.91 10.27 -29.02
CA GLY M 25 -14.52 10.64 -30.37
C GLY M 25 -14.78 12.10 -30.67
N MET M 26 -15.46 12.78 -29.75
CA MET M 26 -15.80 14.19 -29.89
C MET M 26 -14.90 15.12 -29.06
N ILE M 27 -13.72 14.63 -28.70
CA ILE M 27 -12.74 15.39 -27.89
C ILE M 27 -11.38 15.43 -28.60
N PRO M 28 -10.82 16.65 -28.77
CA PRO M 28 -9.53 16.80 -29.43
C PRO M 28 -8.32 16.38 -28.59
N GLY M 29 -7.14 16.34 -29.24
CA GLY M 29 -5.91 15.95 -28.57
C GLY M 29 -5.49 14.51 -28.79
N PHE M 30 -6.35 13.76 -29.47
CA PHE M 30 -6.08 12.35 -29.75
C PHE M 30 -5.51 12.08 -31.13
N GLY M 31 -4.95 13.11 -31.76
CA GLY M 31 -4.38 12.96 -33.09
C GLY M 31 -5.43 12.74 -34.18
N THR M 32 -4.99 12.39 -35.38
CA THR M 32 -5.89 12.16 -36.50
C THR M 32 -6.45 10.73 -36.53
N ASP M 33 -7.70 10.61 -36.97
CA ASP M 33 -8.38 9.31 -37.08
C ASP M 33 -8.42 8.57 -35.74
N PHE M 34 -9.02 9.19 -34.74
CA PHE M 34 -9.13 8.59 -33.42
C PHE M 34 -10.29 7.60 -33.35
N MET M 35 -9.94 6.32 -33.29
CA MET M 35 -10.91 5.23 -33.24
C MET M 35 -11.72 5.13 -34.53
N SER M 36 -11.03 4.78 -35.62
CA SER M 36 -11.67 4.66 -36.92
C SER M 36 -11.03 3.55 -37.73
N LYS M 37 -12.17 3.31 -38.38
CA LYS M 37 -12.32 1.86 -38.38
C LYS M 37 -13.37 1.31 -37.41
N GLY M 38 -12.30 0.99 -36.21
CA GLY M 38 -13.42 0.08 -36.37
C GLY M 38 -13.27 -1.30 -35.75
N ASN M 39 -12.21 -1.48 -34.97
CA ASN M 39 -11.93 -2.74 -34.30
C ASN M 39 -12.12 -2.55 -32.81
N GLU M 40 -13.30 -2.08 -32.42
CA GLU M 40 -13.57 -1.87 -31.00
C GLU M 40 -14.54 -2.94 -30.53
N GLN M 41 -15.30 -3.50 -31.46
CA GLN M 41 -16.26 -4.55 -31.10
C GLN M 41 -15.53 -5.89 -30.94
N GLU M 42 -14.60 -6.18 -31.85
CA GLU M 42 -13.82 -7.42 -31.81
C GLU M 42 -12.86 -7.38 -30.63
N SER M 43 -12.29 -6.21 -30.40
CA SER M 43 -11.33 -6.02 -29.31
C SER M 43 -11.94 -6.24 -27.94
N MET M 44 -13.20 -5.83 -27.79
CA MET M 44 -13.87 -6.00 -26.51
C MET M 44 -14.32 -7.45 -26.31
N ALA M 45 -14.66 -8.14 -27.40
CA ALA M 45 -15.08 -9.55 -27.32
C ALA M 45 -13.92 -10.41 -26.82
N ARG M 46 -12.70 -9.93 -27.07
CA ARG M 46 -11.47 -10.60 -26.66
C ARG M 46 -11.29 -10.47 -25.15
N LEU M 47 -11.42 -9.26 -24.63
CA LEU M 47 -11.28 -9.03 -23.20
C LEU M 47 -12.30 -9.88 -22.44
N LYS M 48 -13.51 -9.99 -22.99
CA LYS M 48 -14.58 -10.77 -22.36
C LYS M 48 -14.23 -12.24 -22.29
N LYS M 49 -13.57 -12.76 -23.33
CA LYS M 49 -13.18 -14.17 -23.35
C LYS M 49 -12.07 -14.44 -22.33
N LEU M 50 -11.20 -13.45 -22.12
CA LEU M 50 -10.13 -13.60 -21.14
C LEU M 50 -10.73 -13.56 -19.74
N MET M 51 -11.81 -12.80 -19.60
CA MET M 51 -12.51 -12.68 -18.34
C MET M 51 -13.19 -14.00 -18.01
N THR M 52 -13.72 -14.68 -19.03
CA THR M 52 -14.38 -15.95 -18.80
C THR M 52 -13.35 -17.01 -18.37
N ILE M 53 -12.11 -16.84 -18.80
CA ILE M 53 -11.06 -17.78 -18.44
C ILE M 53 -10.69 -17.55 -16.97
N MET M 54 -10.62 -16.28 -16.56
CA MET M 54 -10.32 -15.95 -15.18
C MET M 54 -11.49 -16.28 -14.26
N ASP M 55 -12.67 -16.53 -14.84
CA ASP M 55 -13.86 -16.89 -14.08
C ASP M 55 -13.71 -18.33 -13.58
N SER M 56 -12.81 -19.07 -14.24
CA SER M 56 -12.52 -20.46 -13.91
C SER M 56 -11.41 -20.57 -12.87
N MET M 57 -10.77 -19.44 -12.55
CA MET M 57 -9.71 -19.41 -11.56
C MET M 57 -10.33 -19.24 -10.18
N ASN M 58 -9.55 -19.43 -9.13
CA ASN M 58 -10.08 -19.28 -7.78
C ASN M 58 -9.41 -18.11 -7.07
N ASP M 59 -9.89 -17.79 -5.88
CA ASP M 59 -9.37 -16.66 -5.11
C ASP M 59 -7.86 -16.67 -4.89
N GLN M 60 -7.29 -17.84 -4.62
CA GLN M 60 -5.85 -17.93 -4.38
C GLN M 60 -5.08 -17.48 -5.61
N GLU M 61 -5.49 -17.99 -6.76
CA GLU M 61 -4.88 -17.65 -8.03
C GLU M 61 -5.13 -16.20 -8.44
N LEU M 62 -6.32 -15.70 -8.16
CA LEU M 62 -6.71 -14.32 -8.49
C LEU M 62 -6.07 -13.22 -7.65
N ASP M 63 -5.90 -13.47 -6.35
CA ASP M 63 -5.31 -12.48 -5.46
C ASP M 63 -3.84 -12.68 -5.16
N SER M 64 -3.25 -13.66 -5.84
CA SER M 64 -1.83 -13.97 -5.68
C SER M 64 -0.98 -12.82 -6.22
N THR M 65 0.10 -12.49 -5.51
CA THR M 65 1.00 -11.40 -5.91
C THR M 65 1.52 -11.67 -7.34
N ASP M 66 1.68 -12.95 -7.66
CA ASP M 66 2.11 -13.37 -8.98
C ASP M 66 1.30 -14.61 -9.39
N GLY M 67 0.14 -14.35 -10.00
CA GLY M 67 -0.73 -15.43 -10.43
C GLY M 67 -0.13 -16.37 -11.44
N ALA M 68 0.82 -15.89 -12.23
CA ALA M 68 1.48 -16.72 -13.23
C ALA M 68 2.35 -17.78 -12.55
N LYS M 69 2.92 -17.39 -11.41
CA LYS M 69 3.78 -18.27 -10.63
C LYS M 69 3.01 -19.43 -10.00
N VAL M 70 1.78 -19.16 -9.57
CA VAL M 70 0.94 -20.18 -8.94
C VAL M 70 0.64 -21.33 -9.90
N PHE M 71 0.72 -21.05 -11.19
CA PHE M 71 0.47 -22.07 -12.22
C PHE M 71 1.74 -22.75 -12.70
N SER M 72 2.90 -22.14 -12.40
CA SER M 72 4.20 -22.70 -12.78
C SER M 72 4.56 -23.82 -11.80
N LYS M 73 4.18 -23.63 -10.55
CA LYS M 73 4.42 -24.60 -9.49
C LYS M 73 3.36 -25.70 -9.46
N GLN M 74 2.15 -25.38 -9.91
CA GLN M 74 1.06 -26.36 -9.92
C GLN M 74 0.37 -26.40 -11.29
N PRO M 75 1.07 -26.90 -12.33
CA PRO M 75 0.51 -26.98 -13.68
C PRO M 75 -0.80 -27.76 -13.81
N GLY M 76 -1.21 -28.43 -12.75
CA GLY M 76 -2.47 -29.16 -12.77
C GLY M 76 -3.61 -28.17 -12.84
N ARG M 77 -3.42 -27.02 -12.18
CA ARG M 77 -4.39 -25.93 -12.13
C ARG M 77 -4.74 -25.37 -13.51
N ILE M 78 -3.75 -25.36 -14.41
CA ILE M 78 -3.92 -24.87 -15.76
C ILE M 78 -4.97 -25.72 -16.48
N GLN M 79 -4.88 -27.03 -16.30
CA GLN M 79 -5.80 -27.99 -16.92
C GLN M 79 -7.27 -27.78 -16.51
N ARG M 80 -7.49 -27.47 -15.22
CA ARG M 80 -8.82 -27.24 -14.67
C ARG M 80 -9.49 -25.98 -15.26
N VAL M 81 -8.75 -24.86 -15.22
CA VAL M 81 -9.19 -23.57 -15.73
C VAL M 81 -9.64 -23.70 -17.18
N ALA M 82 -8.84 -24.44 -17.97
CA ALA M 82 -9.12 -24.68 -19.38
C ALA M 82 -10.38 -25.50 -19.57
N ARG M 83 -10.58 -26.49 -18.70
CA ARG M 83 -11.77 -27.34 -18.78
C ARG M 83 -13.04 -26.54 -18.54
N GLY M 84 -13.04 -25.79 -17.44
CA GLY M 84 -14.19 -24.98 -17.05
C GLY M 84 -14.56 -23.86 -18.00
N SER M 85 -13.58 -23.25 -18.64
CA SER M 85 -13.83 -22.16 -19.56
C SER M 85 -14.00 -22.54 -21.04
N GLY M 86 -14.03 -23.85 -21.35
CA GLY M 86 -14.18 -24.30 -22.72
C GLY M 86 -13.07 -23.83 -23.66
N VAL M 87 -11.90 -23.60 -23.08
CA VAL M 87 -10.72 -23.14 -23.81
C VAL M 87 -9.61 -24.21 -23.77
N SER M 88 -8.56 -24.03 -24.57
CA SER M 88 -7.45 -25.00 -24.58
C SER M 88 -6.38 -24.65 -23.57
N THR M 89 -5.52 -25.62 -23.30
CA THR M 89 -4.41 -25.43 -22.36
C THR M 89 -3.55 -24.26 -22.81
N ARG M 90 -3.26 -24.18 -24.10
CA ARG M 90 -2.43 -23.09 -24.62
C ARG M 90 -3.06 -21.71 -24.37
N ASP M 91 -4.38 -21.62 -24.53
CA ASP M 91 -5.10 -20.36 -24.32
C ASP M 91 -4.90 -19.80 -22.92
N VAL M 92 -4.84 -20.68 -21.93
CA VAL M 92 -4.64 -20.28 -20.54
C VAL M 92 -3.21 -19.82 -20.30
N GLN M 93 -2.24 -20.48 -20.95
CA GLN M 93 -0.84 -20.10 -20.78
C GLN M 93 -0.62 -18.75 -21.48
N GLU M 94 -1.38 -18.53 -22.56
CA GLU M 94 -1.32 -17.26 -23.32
C GLU M 94 -1.79 -16.13 -22.42
N LEU M 95 -2.95 -16.32 -21.79
CA LEU M 95 -3.51 -15.34 -20.87
C LEU M 95 -2.47 -15.05 -19.80
N LEU M 96 -1.87 -16.12 -19.28
CA LEU M 96 -0.86 -15.98 -18.23
C LEU M 96 0.36 -15.20 -18.67
N THR M 97 0.77 -15.41 -19.93
CA THR M 97 1.92 -14.69 -20.46
C THR M 97 1.55 -13.22 -20.64
N GLN M 98 0.35 -12.97 -21.18
CA GLN M 98 -0.15 -11.60 -21.38
C GLN M 98 -0.24 -10.89 -20.05
N TYR M 99 -0.75 -11.58 -19.03
CA TYR M 99 -0.87 -11.00 -17.69
C TYR M 99 0.52 -10.61 -17.18
N THR M 100 1.51 -11.44 -17.50
CA THR M 100 2.88 -11.21 -17.08
C THR M 100 3.41 -9.89 -17.66
N LYS M 101 3.21 -9.72 -18.97
CA LYS M 101 3.65 -8.53 -19.69
C LYS M 101 2.88 -7.29 -19.21
N PHE M 102 1.61 -7.49 -18.88
CA PHE M 102 0.73 -6.41 -18.40
C PHE M 102 1.22 -5.91 -17.05
N ALA M 103 1.44 -6.85 -16.12
CA ALA M 103 1.90 -6.54 -14.78
C ALA M 103 3.31 -5.93 -14.76
N GLN M 104 4.14 -6.32 -15.71
CA GLN M 104 5.51 -5.79 -15.78
C GLN M 104 5.44 -4.29 -15.98
N MET M 105 4.75 -3.88 -17.05
CA MET M 105 4.59 -2.47 -17.39
C MET M 105 3.82 -1.64 -16.36
N VAL M 106 2.90 -2.26 -15.63
CA VAL M 106 2.14 -1.55 -14.59
C VAL M 106 3.07 -1.09 -13.46
N LYS M 107 4.10 -1.87 -13.16
CA LYS M 107 5.04 -1.48 -12.10
C LYS M 107 6.08 -0.54 -12.72
N LYS M 108 6.17 -0.57 -14.04
CA LYS M 108 7.07 0.29 -14.81
C LYS M 108 6.33 1.62 -15.08
N MET M 109 5.07 1.66 -14.64
CA MET M 109 4.17 2.81 -14.79
C MET M 109 4.31 3.75 -13.58
N LEU N 1 -3.26 6.83 -20.61
CA LEU N 1 -3.95 5.64 -20.14
C LEU N 1 -4.80 4.99 -21.23
N GLY N 2 -5.68 5.79 -21.84
CA GLY N 2 -6.57 5.29 -22.88
C GLY N 2 -5.86 4.63 -24.03
N PHE N 3 -4.63 5.04 -24.30
CA PHE N 3 -3.91 4.43 -25.39
C PHE N 3 -3.52 2.96 -25.11
N PRO N 4 -2.55 2.72 -24.19
CA PRO N 4 -2.13 1.36 -23.86
C PRO N 4 -3.30 0.46 -23.45
N ILE N 5 -4.02 0.85 -22.40
CA ILE N 5 -5.14 0.08 -21.93
C ILE N 5 -6.02 -0.36 -23.07
N ASN N 6 -6.35 0.56 -23.96
CA ASN N 6 -7.19 0.25 -25.10
C ASN N 6 -6.44 -0.51 -26.17
N PHE N 7 -5.17 -0.19 -26.35
CA PHE N 7 -4.36 -0.89 -27.35
C PHE N 7 -3.94 -2.31 -26.95
N LEU N 8 -3.71 -2.54 -25.65
CA LEU N 8 -3.36 -3.86 -25.15
C LEU N 8 -4.61 -4.72 -25.24
N THR N 9 -5.73 -4.13 -24.84
CA THR N 9 -7.02 -4.81 -24.89
C THR N 9 -7.25 -5.26 -26.32
N LEU N 10 -6.93 -4.37 -27.25
CA LEU N 10 -7.08 -4.62 -28.68
C LEU N 10 -6.10 -5.72 -29.16
N TYR N 11 -4.82 -5.52 -28.89
CA TYR N 11 -3.78 -6.45 -29.29
C TYR N 11 -4.00 -7.85 -28.70
N VAL N 12 -4.59 -7.92 -27.51
CA VAL N 12 -4.82 -9.21 -26.92
C VAL N 12 -5.90 -9.99 -27.69
N THR N 13 -7.07 -9.38 -27.90
CA THR N 13 -8.20 -10.05 -28.59
C THR N 13 -7.86 -10.65 -29.97
N VAL N 14 -7.05 -9.94 -30.75
CA VAL N 14 -6.64 -10.34 -32.09
C VAL N 14 -5.72 -11.57 -32.07
N GLN N 15 -4.71 -11.51 -31.20
CA GLN N 15 -3.71 -12.55 -31.03
C GLN N 15 -4.26 -13.86 -30.52
N HIS N 16 -5.23 -13.79 -29.63
CA HIS N 16 -5.86 -14.98 -29.06
C HIS N 16 -7.05 -15.40 -29.91
N LYS N 17 -6.78 -16.30 -30.85
CA LYS N 17 -7.73 -16.81 -31.83
C LYS N 17 -9.09 -17.37 -31.41
N LYS N 18 -9.24 -17.77 -30.14
CA LYS N 18 -10.52 -18.30 -29.66
C LYS N 18 -11.31 -17.33 -28.78
#